data_4K22
#
_entry.id   4K22
#
_cell.length_a   94.730
_cell.length_b   124.140
_cell.length_c   71.890
_cell.angle_alpha   90.00
_cell.angle_beta   90.00
_cell.angle_gamma   90.00
#
_symmetry.space_group_name_H-M   'P 21 21 2'
#
loop_
_entity.id
_entity.type
_entity.pdbx_description
1 polymer 'Protein VisC'
2 non-polymer GLYCEROL
3 non-polymer 'CHLORIDE ION'
4 non-polymer DI(HYDROXYETHYL)ETHER
5 water water
#
_entity_poly.entity_id   1
_entity_poly.type   'polypeptide(L)'
_entity_poly.pdbx_seq_one_letter_code
;MQSVDVAIVGGGMVGLAVACGLQGSGLRVAVLEQRVQEPLAANAPPQLRVSAINAASEKLLTRLGVWQDILSRRASCYHG
MEVWDKDSFGHISFDDQSMGYSHLGHIVENSVIHYALWNKAHQSSDITLLAPAELQQVAWGENETFLTLKDGSMLTARLV
IGADGANSWLRNKADIPLTFWDYQHHALVATIRTEEPHDAVARQVFHGEGILAFLPLSDPHLCSIVWSLSPEEAQRMQQA
SEDEFNRALNIAFDNRLGLCKVESARQVFPLTGRYARQFASHRLALVGDAAHTIHPLAGQGVNLGFMDAAELIAELKRLH
RQGKDIGQYIYLRRYERSRKHSAALMLAGMQGFRDLFSGTNPAKK
;
_entity_poly.pdbx_strand_id   A,B
#
# COMPACT_ATOMS: atom_id res chain seq x y z
N MET A 1 24.45 -32.29 -22.48
CA MET A 1 23.74 -32.05 -21.20
C MET A 1 22.24 -32.23 -21.39
N GLN A 2 21.54 -32.38 -20.26
CA GLN A 2 20.10 -32.35 -20.25
C GLN A 2 19.60 -31.05 -20.88
N SER A 3 18.51 -31.16 -21.61
CA SER A 3 17.92 -30.05 -22.33
C SER A 3 16.45 -29.94 -21.98
N VAL A 4 16.01 -28.77 -21.51
CA VAL A 4 14.58 -28.56 -21.23
C VAL A 4 14.14 -27.23 -21.82
N ASP A 5 12.83 -27.03 -21.91
CA ASP A 5 12.29 -25.72 -22.28
C ASP A 5 12.35 -24.73 -21.12
N VAL A 6 11.99 -25.19 -19.94
CA VAL A 6 11.82 -24.34 -18.79
C VAL A 6 12.55 -24.92 -17.62
N ALA A 7 13.40 -24.13 -16.98
CA ALA A 7 14.04 -24.55 -15.74
C ALA A 7 13.53 -23.66 -14.63
N ILE A 8 12.83 -24.25 -13.67
CA ILE A 8 12.27 -23.54 -12.56
C ILE A 8 13.21 -23.70 -11.36
N VAL A 9 13.74 -22.59 -10.89
CA VAL A 9 14.69 -22.59 -9.79
C VAL A 9 13.92 -22.35 -8.49
N GLY A 10 13.75 -23.43 -7.71
CA GLY A 10 12.97 -23.37 -6.47
C GLY A 10 11.77 -24.29 -6.53
N GLY A 11 11.65 -25.15 -5.52
CA GLY A 11 10.57 -26.13 -5.53
C GLY A 11 9.56 -25.92 -4.42
N GLY A 12 9.32 -24.66 -4.08
CA GLY A 12 8.28 -24.29 -3.13
C GLY A 12 6.92 -24.29 -3.79
N MET A 13 5.89 -23.80 -3.11
CA MET A 13 4.53 -23.85 -3.62
C MET A 13 4.42 -23.15 -4.98
N VAL A 14 5.06 -22.01 -5.12
CA VAL A 14 4.84 -21.20 -6.33
C VAL A 14 5.52 -21.84 -7.54
N GLY A 15 6.75 -22.30 -7.35
CA GLY A 15 7.49 -22.98 -8.42
C GLY A 15 6.79 -24.27 -8.84
N LEU A 16 6.31 -25.04 -7.86
CA LEU A 16 5.60 -26.27 -8.16
C LEU A 16 4.31 -25.94 -8.89
N ALA A 17 3.65 -24.84 -8.54
CA ALA A 17 2.43 -24.47 -9.25
C ALA A 17 2.68 -24.17 -10.71
N VAL A 18 3.77 -23.49 -11.01
CA VAL A 18 4.11 -23.21 -12.41
C VAL A 18 4.38 -24.50 -13.16
N ALA A 19 5.13 -25.39 -12.54
CA ALA A 19 5.49 -26.63 -13.20
C ALA A 19 4.23 -27.43 -13.49
N CYS A 20 3.33 -27.55 -12.49
CA CYS A 20 2.10 -28.33 -12.68
C CYS A 20 1.21 -27.63 -13.70
N GLY A 21 1.16 -26.31 -13.66
CA GLY A 21 0.30 -25.56 -14.55
C GLY A 21 0.67 -25.75 -16.02
N LEU A 22 1.95 -25.91 -16.30
CA LEU A 22 2.40 -26.08 -17.69
C LEU A 22 2.08 -27.47 -18.27
N GLN A 23 1.81 -28.46 -17.42
CA GLN A 23 1.55 -29.82 -17.90
C GLN A 23 0.41 -29.79 -18.90
N GLY A 24 0.58 -30.45 -20.03
CA GLY A 24 -0.39 -30.40 -21.10
C GLY A 24 0.07 -29.54 -22.27
N SER A 25 1.09 -28.72 -22.02
CA SER A 25 1.60 -27.83 -23.07
C SER A 25 2.59 -28.53 -24.01
N GLY A 26 3.26 -29.57 -23.51
CA GLY A 26 4.33 -30.20 -24.27
C GLY A 26 5.71 -29.62 -23.92
N LEU A 27 5.76 -28.58 -23.10
CA LEU A 27 7.04 -28.00 -22.69
C LEU A 27 7.76 -28.96 -21.74
N ARG A 28 9.05 -29.18 -21.97
CA ARG A 28 9.86 -29.98 -21.05
C ARG A 28 10.26 -29.11 -19.87
N VAL A 29 9.93 -29.53 -18.65
CA VAL A 29 10.17 -28.70 -17.45
C VAL A 29 11.07 -29.40 -16.46
N ALA A 30 12.02 -28.64 -15.92
CA ALA A 30 12.83 -29.08 -14.81
C ALA A 30 12.58 -28.20 -13.60
N VAL A 31 12.46 -28.82 -12.44
CA VAL A 31 12.39 -28.10 -11.16
C VAL A 31 13.63 -28.39 -10.38
N LEU A 32 14.36 -27.36 -10.00
CA LEU A 32 15.60 -27.52 -9.24
C LEU A 32 15.35 -27.03 -7.83
N GLU A 33 15.36 -27.95 -6.87
CA GLU A 33 15.30 -27.56 -5.47
C GLU A 33 16.63 -26.92 -5.04
N GLN A 34 16.52 -25.79 -4.33
CA GLN A 34 17.71 -25.08 -3.81
C GLN A 34 17.96 -25.41 -2.33
N ARG A 35 16.94 -25.96 -1.67
CA ARG A 35 17.04 -26.36 -0.27
C ARG A 35 15.86 -27.28 0.11
N PRO A 45 -1.47 -32.27 13.46
CA PRO A 45 -1.69 -31.13 14.38
C PRO A 45 -1.75 -29.80 13.62
N PRO A 46 -2.38 -28.75 14.21
CA PRO A 46 -2.38 -27.50 13.42
C PRO A 46 -0.96 -26.98 13.18
N GLN A 47 -0.41 -27.13 11.97
CA GLN A 47 0.92 -26.59 11.66
C GLN A 47 0.81 -25.12 11.88
N LEU A 48 1.91 -24.48 12.24
CA LEU A 48 1.78 -23.09 12.65
C LEU A 48 1.70 -22.11 11.49
N ARG A 49 2.22 -22.45 10.30
CA ARG A 49 2.11 -21.55 9.15
C ARG A 49 0.93 -21.91 8.26
N VAL A 50 -0.06 -21.01 8.21
CA VAL A 50 -1.28 -21.17 7.42
C VAL A 50 -1.44 -19.92 6.59
N SER A 51 -2.20 -20.06 5.51
CA SER A 51 -2.61 -18.98 4.60
C SER A 51 -4.12 -18.96 4.46
N ALA A 52 -4.64 -17.77 4.18
CA ALA A 52 -6.05 -17.59 3.78
C ALA A 52 -6.11 -17.66 2.28
N ILE A 53 -6.53 -18.81 1.78
CA ILE A 53 -6.50 -19.12 0.38
C ILE A 53 -7.73 -18.53 -0.27
N ASN A 54 -7.56 -17.54 -1.14
CA ASN A 54 -8.72 -16.87 -1.71
C ASN A 54 -9.30 -17.62 -2.93
N ALA A 55 -10.33 -17.07 -3.54
CA ALA A 55 -11.05 -17.76 -4.60
C ALA A 55 -10.22 -17.96 -5.86
N ALA A 56 -9.39 -16.99 -6.20
CA ALA A 56 -8.51 -17.11 -7.38
C ALA A 56 -7.46 -18.18 -7.17
N SER A 57 -6.93 -18.29 -5.98
CA SER A 57 -6.00 -19.38 -5.67
C SER A 57 -6.66 -20.74 -5.70
N GLU A 58 -7.86 -20.84 -5.15
CA GLU A 58 -8.63 -22.08 -5.21
C GLU A 58 -8.87 -22.49 -6.68
N LYS A 59 -9.19 -21.51 -7.51
CA LYS A 59 -9.42 -21.75 -8.96
C LYS A 59 -8.18 -22.34 -9.62
N LEU A 60 -7.01 -21.74 -9.35
CA LEU A 60 -5.76 -22.26 -9.86
C LEU A 60 -5.51 -23.67 -9.36
N LEU A 61 -5.62 -23.87 -8.04
CA LEU A 61 -5.34 -25.17 -7.47
C LEU A 61 -6.30 -26.21 -8.03
N THR A 62 -7.54 -25.80 -8.33
CA THR A 62 -8.48 -26.70 -8.98
C THR A 62 -8.06 -27.03 -10.43
N ARG A 63 -7.72 -26.02 -11.24
CA ARG A 63 -7.15 -26.28 -12.56
C ARG A 63 -5.96 -27.24 -12.52
N LEU A 64 -5.14 -27.14 -11.49
CA LEU A 64 -3.97 -28.00 -11.36
C LEU A 64 -4.33 -29.39 -10.84
N GLY A 65 -5.54 -29.57 -10.33
CA GLY A 65 -5.97 -30.88 -9.91
C GLY A 65 -5.52 -31.31 -8.54
N VAL A 66 -5.20 -30.34 -7.67
CA VAL A 66 -4.76 -30.67 -6.31
C VAL A 66 -5.70 -30.11 -5.23
N TRP A 67 -6.73 -29.37 -5.59
CA TRP A 67 -7.59 -28.75 -4.58
C TRP A 67 -8.36 -29.81 -3.77
N GLN A 68 -8.91 -30.81 -4.44
CA GLN A 68 -9.66 -31.85 -3.73
C GLN A 68 -8.72 -32.59 -2.79
N ASP A 69 -7.46 -32.75 -3.21
CA ASP A 69 -6.45 -33.39 -2.35
C ASP A 69 -6.25 -32.57 -1.10
N ILE A 70 -6.20 -31.26 -1.25
CA ILE A 70 -6.01 -30.37 -0.12
C ILE A 70 -7.21 -30.46 0.82
N LEU A 71 -8.42 -30.39 0.27
CA LEU A 71 -9.64 -30.47 1.05
C LEU A 71 -9.76 -31.78 1.81
N SER A 72 -9.30 -32.87 1.22
CA SER A 72 -9.36 -34.18 1.86
C SER A 72 -8.33 -34.33 2.93
N ARG A 73 -7.19 -33.65 2.77
CA ARG A 73 -6.15 -33.74 3.78
C ARG A 73 -6.57 -32.93 5.01
N ARG A 74 -6.59 -31.62 4.90
CA ARG A 74 -6.96 -30.75 6.00
C ARG A 74 -7.12 -29.33 5.47
N ALA A 75 -8.32 -28.77 5.63
CA ALA A 75 -8.62 -27.40 5.20
C ALA A 75 -9.81 -26.87 5.95
N SER A 76 -9.81 -25.56 6.21
CA SER A 76 -10.90 -24.95 6.98
C SER A 76 -11.63 -23.90 6.16
N CYS A 77 -12.88 -24.17 5.84
CA CYS A 77 -13.66 -23.26 5.00
C CYS A 77 -14.24 -22.11 5.84
N TYR A 78 -14.18 -20.86 5.38
CA TYR A 78 -14.82 -19.77 6.08
C TYR A 78 -15.84 -19.08 5.16
N HIS A 79 -16.92 -18.65 5.79
CA HIS A 79 -18.14 -18.19 5.11
C HIS A 79 -18.49 -16.75 5.43
N GLY A 80 -17.82 -16.18 6.43
CA GLY A 80 -18.08 -14.84 6.88
C GLY A 80 -16.82 -14.04 7.14
N MET A 81 -17.00 -12.73 7.22
CA MET A 81 -15.90 -11.78 7.44
C MET A 81 -16.40 -10.68 8.40
N GLU A 82 -15.59 -10.31 9.39
CA GLU A 82 -15.96 -9.26 10.33
C GLU A 82 -14.68 -8.48 10.68
N VAL A 83 -14.64 -7.21 10.33
CA VAL A 83 -13.46 -6.37 10.53
C VAL A 83 -13.85 -5.14 11.32
N TRP A 84 -13.08 -4.76 12.35
CA TRP A 84 -13.40 -3.54 13.08
C TRP A 84 -12.15 -2.85 13.63
N ASP A 85 -12.35 -1.83 14.45
CA ASP A 85 -11.25 -0.94 14.82
C ASP A 85 -11.20 -0.79 16.31
N LYS A 86 -9.98 -0.82 16.83
CA LYS A 86 -9.74 -0.89 18.27
C LYS A 86 -10.17 0.41 18.92
N ASP A 87 -10.09 1.50 18.15
CA ASP A 87 -10.23 2.84 18.72
C ASP A 87 -11.44 3.62 18.17
N SER A 88 -12.07 3.10 17.13
CA SER A 88 -13.22 3.76 16.49
C SER A 88 -14.38 2.80 16.20
N PHE A 89 -15.44 3.31 15.58
CA PHE A 89 -16.70 2.57 15.37
C PHE A 89 -16.86 2.01 13.93
N GLY A 90 -15.83 2.13 13.11
CA GLY A 90 -15.91 1.56 11.78
C GLY A 90 -16.02 0.03 11.84
N HIS A 91 -16.76 -0.55 10.91
CA HIS A 91 -16.81 -2.01 10.83
C HIS A 91 -17.24 -2.43 9.46
N ILE A 92 -16.75 -3.61 9.04
CA ILE A 92 -17.15 -4.27 7.82
C ILE A 92 -17.56 -5.68 8.24
N SER A 93 -18.76 -6.10 7.84
CA SER A 93 -19.28 -7.38 8.25
C SER A 93 -20.17 -7.96 7.16
N PHE A 94 -19.86 -9.14 6.65
CA PHE A 94 -20.69 -9.72 5.59
C PHE A 94 -20.50 -11.22 5.51
N ASP A 95 -21.40 -11.92 4.83
CA ASP A 95 -21.14 -13.34 4.55
C ASP A 95 -21.17 -13.70 3.07
N ASP A 96 -20.81 -14.94 2.79
CA ASP A 96 -20.79 -15.45 1.44
C ASP A 96 -22.18 -15.31 0.76
N GLN A 97 -23.25 -15.70 1.45
CA GLN A 97 -24.59 -15.71 0.85
C GLN A 97 -25.00 -14.30 0.40
N SER A 98 -24.66 -13.27 1.18
CA SER A 98 -25.01 -11.90 0.82
C SER A 98 -24.43 -11.51 -0.54
N MET A 99 -23.46 -12.26 -1.05
CA MET A 99 -22.87 -11.95 -2.37
C MET A 99 -23.01 -13.09 -3.39
N GLY A 100 -23.79 -14.12 -3.09
CA GLY A 100 -24.00 -15.20 -4.04
C GLY A 100 -22.86 -16.22 -4.06
N TYR A 101 -22.02 -16.23 -3.02
CA TYR A 101 -20.91 -17.17 -2.94
C TYR A 101 -21.26 -18.40 -2.14
N SER A 102 -20.59 -19.52 -2.42
CA SER A 102 -20.71 -20.73 -1.59
C SER A 102 -19.82 -20.65 -0.35
N HIS A 103 -18.77 -19.83 -0.44
CA HIS A 103 -17.82 -19.62 0.65
C HIS A 103 -16.94 -18.44 0.29
N LEU A 104 -16.24 -17.89 1.27
CA LEU A 104 -15.32 -16.78 1.00
C LEU A 104 -13.91 -17.28 0.72
N GLY A 105 -13.43 -18.23 1.52
CA GLY A 105 -12.07 -18.71 1.41
C GLY A 105 -11.83 -19.93 2.28
N HIS A 106 -10.57 -20.38 2.31
CA HIS A 106 -10.13 -21.46 3.19
C HIS A 106 -8.88 -21.10 3.95
N ILE A 107 -8.80 -21.52 5.22
CA ILE A 107 -7.56 -21.45 5.98
C ILE A 107 -6.87 -22.80 5.85
N VAL A 108 -5.69 -22.78 5.27
CA VAL A 108 -4.98 -24.01 4.90
C VAL A 108 -3.54 -23.88 5.35
N GLU A 109 -3.02 -24.95 5.91
CA GLU A 109 -1.61 -25.07 6.25
C GLU A 109 -0.75 -25.05 4.97
N ASN A 110 0.33 -24.28 4.98
CA ASN A 110 1.21 -24.20 3.80
C ASN A 110 1.77 -25.56 3.45
N SER A 111 2.11 -26.35 4.46
CA SER A 111 2.71 -27.65 4.20
C SER A 111 1.74 -28.59 3.50
N VAL A 112 0.44 -28.45 3.74
CA VAL A 112 -0.56 -29.28 3.06
C VAL A 112 -0.61 -28.94 1.56
N ILE A 113 -0.60 -27.64 1.25
CA ILE A 113 -0.61 -27.16 -0.13
C ILE A 113 0.64 -27.65 -0.88
N HIS A 114 1.80 -27.53 -0.22
CA HIS A 114 3.06 -27.92 -0.83
C HIS A 114 3.13 -29.43 -1.13
N TYR A 115 2.74 -30.26 -0.18
CA TYR A 115 2.73 -31.70 -0.39
C TYR A 115 1.81 -32.07 -1.55
N ALA A 116 0.64 -31.44 -1.61
CA ALA A 116 -0.30 -31.73 -2.69
C ALA A 116 0.33 -31.40 -4.05
N LEU A 117 1.02 -30.27 -4.13
CA LEU A 117 1.68 -29.85 -5.37
C LEU A 117 2.88 -30.72 -5.71
N TRP A 118 3.63 -31.11 -4.68
CA TRP A 118 4.83 -31.93 -4.84
C TRP A 118 4.44 -33.31 -5.40
N ASN A 119 3.39 -33.90 -4.84
CA ASN A 119 2.89 -35.17 -5.37
C ASN A 119 2.43 -35.04 -6.81
N LYS A 120 1.64 -34.00 -7.09
CA LYS A 120 1.16 -33.78 -8.45
C LYS A 120 2.36 -33.61 -9.41
N ALA A 121 3.40 -32.93 -8.94
CA ALA A 121 4.58 -32.71 -9.77
C ALA A 121 5.25 -34.02 -10.14
N HIS A 122 5.37 -34.92 -9.16
CA HIS A 122 5.93 -36.25 -9.42
C HIS A 122 5.08 -37.05 -10.38
N GLN A 123 3.77 -36.79 -10.41
CA GLN A 123 2.86 -37.48 -11.35
C GLN A 123 2.79 -36.84 -12.72
N SER A 124 3.57 -35.79 -12.96
CA SER A 124 3.47 -35.05 -14.21
C SER A 124 4.55 -35.49 -15.19
N SER A 125 4.13 -35.99 -16.36
CA SER A 125 5.04 -36.65 -17.26
C SER A 125 6.11 -35.72 -17.82
N ASP A 126 5.82 -34.43 -17.97
CA ASP A 126 6.79 -33.52 -18.57
C ASP A 126 7.68 -32.75 -17.56
N ILE A 127 7.55 -33.10 -16.28
CA ILE A 127 8.33 -32.49 -15.21
C ILE A 127 9.38 -33.43 -14.69
N THR A 128 10.59 -32.89 -14.57
CA THR A 128 11.67 -33.56 -13.88
C THR A 128 12.00 -32.77 -12.64
N LEU A 129 11.85 -33.39 -11.47
CA LEU A 129 12.22 -32.75 -10.22
C LEU A 129 13.60 -33.19 -9.87
N LEU A 130 14.48 -32.24 -9.65
CA LEU A 130 15.86 -32.51 -9.28
C LEU A 130 16.08 -32.04 -7.85
N ALA A 131 16.52 -32.96 -6.98
CA ALA A 131 16.63 -32.71 -5.55
C ALA A 131 17.78 -33.51 -4.97
N PRO A 132 18.84 -32.85 -4.46
CA PRO A 132 19.08 -31.41 -4.41
C PRO A 132 19.69 -30.93 -5.71
N ALA A 133 19.47 -29.67 -6.07
CA ALA A 133 20.01 -29.17 -7.31
C ALA A 133 20.35 -27.69 -7.19
N GLU A 134 21.11 -27.35 -6.16
CA GLU A 134 21.52 -25.97 -6.00
C GLU A 134 22.32 -25.52 -7.20
N LEU A 135 22.14 -24.26 -7.56
CA LEU A 135 22.88 -23.66 -8.68
C LEU A 135 24.22 -23.14 -8.29
N GLN A 136 25.19 -23.32 -9.18
CA GLN A 136 26.49 -22.73 -8.98
C GLN A 136 26.66 -21.54 -9.93
N GLN A 137 26.14 -21.69 -11.15
CA GLN A 137 26.36 -20.68 -12.16
C GLN A 137 25.29 -20.73 -13.25
N VAL A 138 25.13 -19.61 -13.94
CA VAL A 138 24.27 -19.58 -15.12
C VAL A 138 24.89 -18.68 -16.20
N ALA A 139 24.87 -19.16 -17.43
CA ALA A 139 25.30 -18.37 -18.59
C ALA A 139 24.10 -18.02 -19.44
N TRP A 140 23.91 -16.73 -19.66
CA TRP A 140 22.79 -16.21 -20.43
C TRP A 140 23.11 -16.06 -21.92
N GLY A 141 23.19 -17.16 -22.67
CA GLY A 141 23.43 -17.09 -24.09
C GLY A 141 22.26 -16.49 -24.84
N GLU A 142 22.51 -16.01 -26.05
N GLU A 142 22.52 -16.03 -26.03
CA GLU A 142 21.46 -15.44 -26.87
CA GLU A 142 21.51 -15.50 -26.89
C GLU A 142 20.30 -16.41 -27.09
C GLU A 142 20.33 -16.44 -27.04
N ASN A 143 20.61 -17.68 -27.36
CA ASN A 143 19.63 -18.68 -27.77
C ASN A 143 19.21 -19.66 -26.69
N GLU A 144 20.07 -19.85 -25.70
CA GLU A 144 19.70 -20.70 -24.58
C GLU A 144 20.49 -20.32 -23.34
N THR A 145 20.02 -20.81 -22.20
CA THR A 145 20.66 -20.58 -20.92
CA THR A 145 20.66 -20.59 -20.91
C THR A 145 21.41 -21.84 -20.52
N PHE A 146 22.58 -21.65 -19.89
CA PHE A 146 23.40 -22.77 -19.47
C PHE A 146 23.45 -22.76 -17.96
N LEU A 147 22.95 -23.81 -17.33
CA LEU A 147 22.87 -23.93 -15.88
C LEU A 147 23.85 -24.96 -15.36
N THR A 148 24.70 -24.54 -14.42
CA THR A 148 25.65 -25.44 -13.77
C THR A 148 25.22 -25.65 -12.33
N LEU A 149 25.01 -26.91 -11.96
CA LEU A 149 24.66 -27.26 -10.57
C LEU A 149 25.93 -27.42 -9.73
N LYS A 150 25.77 -27.45 -8.41
CA LYS A 150 26.93 -27.50 -7.53
C LYS A 150 27.72 -28.80 -7.71
N ASP A 151 27.04 -29.89 -8.03
CA ASP A 151 27.74 -31.15 -8.32
C ASP A 151 28.44 -31.13 -9.67
N GLY A 152 28.36 -30.01 -10.38
CA GLY A 152 29.04 -29.88 -11.67
C GLY A 152 28.24 -30.35 -12.86
N SER A 153 27.08 -30.95 -12.63
CA SER A 153 26.18 -31.29 -13.72
C SER A 153 25.59 -30.03 -14.34
N MET A 154 25.28 -30.11 -15.64
CA MET A 154 24.80 -28.96 -16.39
C MET A 154 23.46 -29.19 -17.05
N LEU A 155 22.78 -28.09 -17.35
CA LEU A 155 21.44 -28.13 -17.91
C LEU A 155 21.26 -26.94 -18.85
N THR A 156 20.66 -27.16 -20.02
CA THR A 156 20.28 -26.01 -20.86
C THR A 156 18.76 -25.80 -20.82
N ALA A 157 18.34 -24.53 -20.85
CA ALA A 157 16.94 -24.17 -20.84
C ALA A 157 16.71 -22.93 -21.73
N ARG A 158 15.59 -22.91 -22.44
N ARG A 158 15.60 -22.90 -22.45
CA ARG A 158 15.16 -21.74 -23.20
CA ARG A 158 15.21 -21.71 -23.21
C ARG A 158 14.79 -20.57 -22.28
C ARG A 158 14.82 -20.56 -22.27
N LEU A 159 14.31 -20.90 -21.09
CA LEU A 159 13.80 -19.93 -20.14
C LEU A 159 14.05 -20.39 -18.72
N VAL A 160 14.55 -19.51 -17.89
CA VAL A 160 14.72 -19.77 -16.48
C VAL A 160 13.63 -19.03 -15.74
N ILE A 161 13.00 -19.70 -14.80
CA ILE A 161 11.98 -19.12 -13.96
C ILE A 161 12.48 -19.15 -12.53
N GLY A 162 12.62 -17.99 -11.91
CA GLY A 162 13.07 -17.92 -10.54
C GLY A 162 11.87 -17.99 -9.64
N ALA A 163 11.83 -19.02 -8.80
CA ALA A 163 10.73 -19.21 -7.83
C ALA A 163 11.34 -19.59 -6.49
N ASP A 164 12.47 -18.97 -6.14
CA ASP A 164 13.21 -19.30 -4.93
C ASP A 164 13.21 -18.13 -3.96
N GLY A 165 12.16 -18.04 -3.17
CA GLY A 165 12.00 -16.95 -2.24
C GLY A 165 12.08 -15.58 -2.89
N ALA A 166 12.96 -14.73 -2.39
CA ALA A 166 13.10 -13.39 -2.97
C ALA A 166 13.91 -13.38 -4.28
N ASN A 167 14.41 -14.55 -4.70
CA ASN A 167 15.24 -14.69 -5.92
C ASN A 167 16.48 -13.79 -5.97
N SER A 168 17.14 -13.60 -4.85
CA SER A 168 18.29 -12.73 -4.77
C SER A 168 19.44 -13.14 -5.67
N TRP A 169 19.74 -14.43 -5.72
CA TRP A 169 20.83 -14.91 -6.53
C TRP A 169 20.56 -14.62 -7.99
N LEU A 170 19.38 -15.01 -8.49
CA LEU A 170 19.07 -14.79 -9.91
C LEU A 170 18.96 -13.32 -10.27
N ARG A 171 18.33 -12.54 -9.39
CA ARG A 171 18.19 -11.13 -9.60
C ARG A 171 19.54 -10.40 -9.60
N ASN A 172 20.44 -10.84 -8.75
CA ASN A 172 21.79 -10.32 -8.76
C ASN A 172 22.51 -10.64 -10.09
N LYS A 173 22.37 -11.88 -10.56
CA LYS A 173 23.04 -12.28 -11.80
C LYS A 173 22.49 -11.50 -13.00
N ALA A 174 21.19 -11.17 -12.98
CA ALA A 174 20.60 -10.39 -14.07
C ALA A 174 20.64 -8.87 -13.80
N ASP A 175 21.17 -8.50 -12.64
CA ASP A 175 21.29 -7.09 -12.23
C ASP A 175 19.91 -6.37 -12.23
N ILE A 176 18.90 -7.05 -11.67
CA ILE A 176 17.57 -6.47 -11.50
C ILE A 176 17.10 -6.67 -10.05
N PRO A 177 17.78 -6.02 -9.09
CA PRO A 177 17.50 -6.22 -7.68
C PRO A 177 16.09 -5.73 -7.26
N LEU A 178 15.53 -6.34 -6.21
CA LEU A 178 14.32 -5.86 -5.54
C LEU A 178 14.68 -4.70 -4.65
N THR A 179 13.69 -3.88 -4.31
CA THR A 179 13.79 -2.87 -3.30
C THR A 179 13.11 -3.43 -2.06
N PHE A 180 13.86 -3.53 -0.99
CA PHE A 180 13.37 -4.05 0.29
C PHE A 180 12.86 -2.91 1.17
N TRP A 181 11.72 -3.15 1.81
CA TRP A 181 11.10 -2.16 2.72
C TRP A 181 10.68 -2.80 4.06
N ASP A 182 11.30 -2.35 5.12
CA ASP A 182 11.04 -2.83 6.48
C ASP A 182 9.66 -2.33 6.92
N TYR A 183 8.73 -3.20 7.23
CA TYR A 183 7.42 -2.66 7.66
C TYR A 183 7.36 -2.35 9.16
N GLN A 184 8.52 -2.40 9.85
CA GLN A 184 8.67 -1.84 11.21
C GLN A 184 7.85 -2.54 12.28
N HIS A 185 7.23 -3.64 11.92
CA HIS A 185 6.37 -4.43 12.81
C HIS A 185 6.63 -5.89 12.50
N HIS A 186 6.45 -6.73 13.51
CA HIS A 186 6.57 -8.17 13.38
C HIS A 186 5.18 -8.78 13.60
N ALA A 187 4.95 -9.95 13.02
CA ALA A 187 3.70 -10.70 13.21
C ALA A 187 3.94 -11.87 14.14
N LEU A 188 3.09 -11.97 15.15
CA LEU A 188 3.09 -13.13 16.03
C LEU A 188 1.97 -14.04 15.56
N VAL A 189 2.29 -15.32 15.40
CA VAL A 189 1.31 -16.31 15.02
C VAL A 189 1.26 -17.44 16.07
N ALA A 190 0.08 -18.02 16.22
CA ALA A 190 -0.17 -19.07 17.21
C ALA A 190 -1.59 -19.57 17.01
N THR A 191 -1.87 -20.75 17.58
CA THR A 191 -3.20 -21.35 17.57
C THR A 191 -3.83 -21.07 18.91
N ILE A 192 -5.01 -20.49 18.87
CA ILE A 192 -5.73 -20.02 20.03
C ILE A 192 -7.08 -20.77 20.17
N ARG A 193 -7.37 -21.31 21.36
CA ARG A 193 -8.69 -21.85 21.66
C ARG A 193 -9.51 -20.76 22.34
N THR A 194 -10.72 -20.53 21.83
CA THR A 194 -11.58 -19.48 22.38
C THR A 194 -12.81 -20.09 23.08
N GLU A 195 -13.32 -19.35 24.06
CA GLU A 195 -14.56 -19.72 24.75
C GLU A 195 -15.74 -19.84 23.81
N GLU A 196 -15.95 -18.82 22.97
CA GLU A 196 -17.03 -18.82 22.00
C GLU A 196 -16.55 -19.45 20.70
N PRO A 197 -17.45 -20.17 19.98
CA PRO A 197 -17.10 -20.72 18.67
C PRO A 197 -16.86 -19.63 17.62
N HIS A 198 -15.98 -19.82 16.64
CA HIS A 198 -15.77 -18.75 15.66
C HIS A 198 -16.86 -18.71 14.57
N ASP A 199 -17.65 -19.79 14.46
CA ASP A 199 -18.74 -19.90 13.45
C ASP A 199 -18.24 -19.67 12.01
N ALA A 200 -17.03 -20.13 11.75
CA ALA A 200 -16.42 -20.02 10.43
C ALA A 200 -16.41 -18.59 9.86
N VAL A 201 -16.22 -17.62 10.75
CA VAL A 201 -16.04 -16.23 10.39
C VAL A 201 -14.57 -15.84 10.58
N ALA A 202 -13.95 -15.28 9.54
CA ALA A 202 -12.62 -14.67 9.68
C ALA A 202 -12.79 -13.28 10.29
N ARG A 203 -12.04 -13.01 11.35
CA ARG A 203 -12.18 -11.74 12.06
C ARG A 203 -10.87 -11.00 12.13
N GLN A 204 -10.95 -9.69 12.08
CA GLN A 204 -9.76 -8.89 12.21
C GLN A 204 -10.04 -7.56 12.83
N VAL A 205 -9.21 -7.16 13.80
CA VAL A 205 -9.30 -5.81 14.35
C VAL A 205 -8.06 -4.99 13.98
N PHE A 206 -8.28 -3.75 13.53
CA PHE A 206 -7.17 -2.81 13.29
C PHE A 206 -6.77 -2.11 14.58
N HIS A 207 -5.48 -1.88 14.77
CA HIS A 207 -5.02 -1.19 15.98
C HIS A 207 -3.73 -0.38 15.68
N GLY A 208 -3.20 0.31 16.68
CA GLY A 208 -2.09 1.23 16.49
C GLY A 208 -0.82 0.61 15.94
N GLU A 209 -0.66 -0.71 16.12
CA GLU A 209 0.50 -1.41 15.60
C GLU A 209 0.11 -2.42 14.51
N GLY A 210 -1.02 -2.16 13.84
CA GLY A 210 -1.39 -2.85 12.62
C GLY A 210 -2.72 -3.61 12.70
N ILE A 211 -2.62 -4.93 12.77
CA ILE A 211 -3.80 -5.80 12.76
C ILE A 211 -3.69 -6.90 13.79
N LEU A 212 -4.85 -7.48 14.10
CA LEU A 212 -4.94 -8.71 14.82
C LEU A 212 -6.04 -9.52 14.17
N ALA A 213 -5.66 -10.62 13.52
CA ALA A 213 -6.62 -11.45 12.79
C ALA A 213 -6.78 -12.79 13.45
N PHE A 214 -8.02 -13.27 13.51
CA PHE A 214 -8.34 -14.63 13.96
C PHE A 214 -8.89 -15.42 12.75
N LEU A 215 -8.08 -16.35 12.24
CA LEU A 215 -8.39 -17.18 11.08
C LEU A 215 -8.93 -18.53 11.55
N PRO A 216 -10.20 -18.81 11.23
CA PRO A 216 -10.85 -19.99 11.80
C PRO A 216 -10.32 -21.30 11.26
N LEU A 217 -10.06 -22.23 12.16
CA LEU A 217 -9.65 -23.56 11.79
C LEU A 217 -10.83 -24.51 11.82
N SER A 218 -10.59 -25.78 11.49
CA SER A 218 -11.64 -26.79 11.48
C SER A 218 -12.34 -26.97 12.82
N ASP A 219 -11.56 -27.13 13.88
CA ASP A 219 -12.13 -27.21 15.21
C ASP A 219 -12.89 -25.93 15.46
N PRO A 220 -14.17 -26.03 15.89
CA PRO A 220 -15.07 -24.87 16.03
C PRO A 220 -14.59 -23.82 17.01
N HIS A 221 -13.61 -24.17 17.85
CA HIS A 221 -13.10 -23.24 18.85
C HIS A 221 -11.61 -22.88 18.69
N LEU A 222 -11.01 -23.26 17.56
CA LEU A 222 -9.64 -22.90 17.27
C LEU A 222 -9.53 -21.93 16.11
N CYS A 223 -8.68 -20.94 16.34
CA CYS A 223 -8.27 -19.99 15.33
C CYS A 223 -6.72 -19.94 15.29
N SER A 224 -6.21 -19.68 14.10
CA SER A 224 -4.81 -19.28 13.92
C SER A 224 -4.76 -17.76 13.84
N ILE A 225 -3.89 -17.12 14.63
CA ILE A 225 -3.85 -15.68 14.63
C ILE A 225 -2.68 -15.10 13.88
N VAL A 226 -2.87 -13.88 13.43
CA VAL A 226 -1.80 -13.01 12.97
C VAL A 226 -1.90 -11.71 13.75
N TRP A 227 -0.97 -11.50 14.66
CA TRP A 227 -0.97 -10.33 15.54
C TRP A 227 0.23 -9.50 15.20
N SER A 228 0.07 -8.37 14.49
CA SER A 228 1.22 -7.55 14.23
C SER A 228 1.43 -6.62 15.43
N LEU A 229 2.70 -6.44 15.76
CA LEU A 229 3.15 -5.72 16.95
C LEU A 229 4.49 -5.05 16.64
N SER A 230 4.89 -4.09 17.48
CA SER A 230 6.27 -3.62 17.48
C SER A 230 7.20 -4.82 17.68
N PRO A 231 8.42 -4.75 17.16
CA PRO A 231 9.32 -5.89 17.39
C PRO A 231 9.54 -6.17 18.88
N GLU A 232 9.60 -5.12 19.70
CA GLU A 232 9.80 -5.26 21.13
C GLU A 232 8.58 -5.90 21.76
N GLU A 233 7.38 -5.46 21.39
CA GLU A 233 6.17 -6.02 22.01
C GLU A 233 5.91 -7.46 21.54
N ALA A 234 6.26 -7.76 20.28
CA ALA A 234 6.11 -9.10 19.75
C ALA A 234 7.00 -10.05 20.54
N GLN A 235 8.22 -9.60 20.83
CA GLN A 235 9.13 -10.37 21.68
C GLN A 235 8.55 -10.59 23.07
N ARG A 236 8.02 -9.53 23.67
N ARG A 236 8.00 -9.54 23.68
CA ARG A 236 7.39 -9.61 24.98
CA ARG A 236 7.44 -9.66 25.02
C ARG A 236 6.31 -10.68 24.98
C ARG A 236 6.26 -10.64 25.02
N MET A 237 5.42 -10.59 23.99
CA MET A 237 4.26 -11.49 23.92
C MET A 237 4.69 -12.93 23.65
N GLN A 238 5.77 -13.11 22.87
CA GLN A 238 6.27 -14.44 22.61
C GLN A 238 6.82 -15.07 23.88
N GLN A 239 7.44 -14.25 24.72
CA GLN A 239 8.09 -14.77 25.92
C GLN A 239 7.25 -14.69 27.17
N ALA A 240 6.07 -14.08 27.11
CA ALA A 240 5.28 -13.92 28.31
C ALA A 240 4.77 -15.27 28.79
N SER A 241 4.40 -15.36 30.06
CA SER A 241 3.69 -16.51 30.55
C SER A 241 2.41 -16.69 29.70
N GLU A 242 1.86 -17.89 29.66
CA GLU A 242 0.63 -18.06 28.93
C GLU A 242 -0.49 -17.19 29.53
N ASP A 243 -0.55 -17.03 30.86
CA ASP A 243 -1.63 -16.22 31.45
C ASP A 243 -1.52 -14.74 30.99
N GLU A 244 -0.33 -14.16 31.02
CA GLU A 244 -0.14 -12.79 30.54
C GLU A 244 -0.51 -12.66 29.06
N PHE A 245 -0.03 -13.61 28.26
CA PHE A 245 -0.34 -13.57 26.82
C PHE A 245 -1.85 -13.66 26.58
N ASN A 246 -2.48 -14.64 27.21
CA ASN A 246 -3.90 -14.87 26.99
C ASN A 246 -4.74 -13.66 27.34
N ARG A 247 -4.32 -12.95 28.40
CA ARG A 247 -5.02 -11.77 28.87
C ARG A 247 -4.80 -10.60 27.90
N ALA A 248 -3.58 -10.43 27.43
CA ALA A 248 -3.28 -9.34 26.51
C ALA A 248 -4.03 -9.54 25.20
N LEU A 249 -4.03 -10.76 24.72
CA LEU A 249 -4.72 -11.09 23.47
C LEU A 249 -6.20 -10.79 23.55
N ASN A 250 -6.84 -11.24 24.64
CA ASN A 250 -8.27 -11.06 24.83
C ASN A 250 -8.65 -9.61 24.80
N ILE A 251 -7.82 -8.79 25.45
CA ILE A 251 -8.04 -7.35 25.47
C ILE A 251 -7.85 -6.76 24.08
N ALA A 252 -6.79 -7.18 23.40
CA ALA A 252 -6.51 -6.72 22.04
C ALA A 252 -7.64 -7.11 21.09
N PHE A 253 -8.30 -8.24 21.35
CA PHE A 253 -9.39 -8.69 20.52
C PHE A 253 -10.77 -8.23 21.04
N ASP A 254 -10.79 -7.32 22.02
CA ASP A 254 -12.04 -6.78 22.56
C ASP A 254 -12.97 -7.88 23.09
N ASN A 255 -12.38 -8.96 23.58
CA ASN A 255 -13.16 -10.06 24.14
C ASN A 255 -14.17 -10.64 23.16
N ARG A 256 -13.90 -10.52 21.87
CA ARG A 256 -14.91 -10.86 20.86
C ARG A 256 -15.34 -12.30 20.86
N LEU A 257 -14.45 -13.22 21.24
CA LEU A 257 -14.79 -14.62 21.32
C LEU A 257 -14.58 -15.12 22.76
N GLY A 258 -14.68 -14.20 23.72
CA GLY A 258 -14.53 -14.58 25.11
C GLY A 258 -13.09 -14.88 25.44
N LEU A 259 -12.88 -15.65 26.51
CA LEU A 259 -11.54 -16.01 26.95
C LEU A 259 -10.75 -16.78 25.89
N CYS A 260 -9.47 -16.44 25.79
CA CYS A 260 -8.52 -17.00 24.84
C CYS A 260 -7.46 -17.80 25.61
N LYS A 261 -7.10 -18.95 25.05
CA LYS A 261 -6.09 -19.85 25.58
C LYS A 261 -5.16 -20.27 24.46
N VAL A 262 -3.91 -19.80 24.50
CA VAL A 262 -2.94 -20.21 23.48
C VAL A 262 -2.69 -21.70 23.65
N GLU A 263 -2.59 -22.42 22.53
CA GLU A 263 -2.45 -23.88 22.52
C GLU A 263 -1.29 -24.35 21.69
N SER A 264 -0.43 -23.45 21.24
CA SER A 264 0.73 -23.85 20.46
C SER A 264 1.90 -22.98 20.84
N ALA A 265 3.03 -23.26 20.20
CA ALA A 265 4.16 -22.35 20.24
C ALA A 265 3.75 -20.99 19.70
N ARG A 266 4.38 -19.93 20.20
CA ARG A 266 4.16 -18.59 19.66
C ARG A 266 5.37 -18.25 18.81
N GLN A 267 5.15 -18.02 17.52
CA GLN A 267 6.27 -17.74 16.59
C GLN A 267 6.17 -16.31 16.08
N VAL A 268 7.30 -15.68 15.88
CA VAL A 268 7.34 -14.30 15.43
C VAL A 268 8.14 -14.19 14.13
N PHE A 269 7.68 -13.39 13.18
CA PHE A 269 8.52 -13.13 12.01
C PHE A 269 8.32 -11.71 11.50
N PRO A 270 9.31 -11.21 10.76
CA PRO A 270 9.26 -9.81 10.37
C PRO A 270 8.31 -9.57 9.20
N LEU A 271 7.74 -8.37 9.14
CA LEU A 271 6.87 -7.98 8.02
C LEU A 271 7.67 -7.04 7.14
N THR A 272 7.68 -7.33 5.85
CA THR A 272 8.48 -6.56 4.91
C THR A 272 7.79 -6.45 3.58
N GLY A 273 8.15 -5.42 2.83
CA GLY A 273 7.76 -5.28 1.47
C GLY A 273 8.96 -5.56 0.57
N ARG A 274 8.68 -6.07 -0.62
CA ARG A 274 9.71 -6.30 -1.63
C ARG A 274 9.13 -5.85 -2.96
N TYR A 275 9.73 -4.80 -3.55
CA TYR A 275 9.17 -4.15 -4.72
C TYR A 275 10.11 -4.32 -5.94
N ALA A 276 9.54 -4.69 -7.08
CA ALA A 276 10.28 -5.02 -8.30
C ALA A 276 10.07 -4.01 -9.43
N ARG A 277 11.16 -3.47 -9.96
CA ARG A 277 11.09 -2.68 -11.18
C ARG A 277 11.05 -3.59 -12.39
N GLN A 278 11.51 -4.84 -12.22
CA GLN A 278 11.52 -5.84 -13.27
C GLN A 278 11.03 -7.20 -12.75
N PHE A 279 10.23 -7.90 -13.57
CA PHE A 279 9.86 -9.28 -13.33
C PHE A 279 10.39 -10.20 -14.40
N ALA A 280 11.09 -9.64 -15.36
CA ALA A 280 11.72 -10.46 -16.39
C ALA A 280 12.95 -9.79 -17.00
N SER A 281 13.77 -10.61 -17.64
CA SER A 281 14.86 -10.15 -18.45
C SER A 281 15.05 -11.18 -19.60
N HIS A 282 16.18 -11.12 -20.27
CA HIS A 282 16.48 -12.09 -21.30
C HIS A 282 16.50 -13.49 -20.72
N ARG A 283 15.58 -14.34 -21.20
CA ARG A 283 15.46 -15.74 -20.79
C ARG A 283 15.31 -15.91 -19.28
N LEU A 284 14.67 -14.94 -18.64
CA LEU A 284 14.41 -14.99 -17.21
C LEU A 284 13.05 -14.38 -16.87
N ALA A 285 12.27 -15.10 -16.06
CA ALA A 285 11.02 -14.59 -15.48
C ALA A 285 10.98 -14.93 -14.01
N LEU A 286 10.52 -14.00 -13.20
CA LEU A 286 10.47 -14.18 -11.76
C LEU A 286 9.03 -14.30 -11.23
N VAL A 287 8.80 -15.27 -10.37
CA VAL A 287 7.51 -15.42 -9.69
C VAL A 287 7.72 -15.46 -8.18
N GLY A 288 6.76 -14.94 -7.46
CA GLY A 288 6.66 -15.21 -6.04
C GLY A 288 7.58 -14.39 -5.16
N ASP A 289 8.31 -13.42 -5.71
CA ASP A 289 9.31 -12.73 -4.90
C ASP A 289 8.89 -11.33 -4.45
N ALA A 290 7.91 -10.71 -5.13
CA ALA A 290 7.42 -9.40 -4.68
C ALA A 290 6.45 -9.55 -3.51
N ALA A 291 6.32 -8.49 -2.73
CA ALA A 291 5.43 -8.45 -1.57
C ALA A 291 5.05 -7.02 -1.32
N HIS A 292 3.75 -6.78 -1.26
CA HIS A 292 3.21 -5.44 -1.18
C HIS A 292 2.43 -5.31 0.14
N THR A 293 1.12 -5.37 0.10
CA THR A 293 0.31 -5.27 1.31
C THR A 293 0.31 -6.57 2.16
N ILE A 294 0.04 -6.40 3.46
CA ILE A 294 -0.20 -7.50 4.40
C ILE A 294 -1.72 -7.67 4.56
N HIS A 295 -2.43 -6.56 4.68
CA HIS A 295 -3.87 -6.57 4.68
C HIS A 295 -4.43 -6.14 3.34
N PRO A 296 -5.45 -6.89 2.84
CA PRO A 296 -6.04 -8.10 3.43
C PRO A 296 -5.17 -9.35 3.31
N LEU A 297 -5.17 -10.19 4.36
CA LEU A 297 -4.33 -11.39 4.39
C LEU A 297 -4.62 -12.33 3.22
N ALA A 298 -5.90 -12.40 2.78
CA ALA A 298 -6.26 -13.32 1.73
C ALA A 298 -5.85 -12.83 0.35
N GLY A 299 -5.38 -11.58 0.29
CA GLY A 299 -4.89 -11.03 -0.96
C GLY A 299 -3.39 -11.20 -1.19
N GLN A 300 -2.68 -11.75 -0.20
CA GLN A 300 -1.21 -11.69 -0.23
C GLN A 300 -0.60 -13.01 0.16
N GLY A 301 0.70 -13.00 0.39
CA GLY A 301 1.41 -14.24 0.65
C GLY A 301 1.37 -15.12 -0.58
N VAL A 302 1.08 -16.40 -0.37
CA VAL A 302 1.13 -17.34 -1.48
C VAL A 302 0.01 -17.01 -2.46
N ASN A 303 -1.01 -16.25 -2.06
CA ASN A 303 -2.04 -15.83 -3.03
C ASN A 303 -1.44 -14.97 -4.14
N LEU A 304 -0.49 -14.12 -3.76
CA LEU A 304 0.16 -13.22 -4.74
C LEU A 304 1.06 -14.05 -5.65
N GLY A 305 1.82 -14.96 -5.05
CA GLY A 305 2.66 -15.85 -5.81
C GLY A 305 1.87 -16.74 -6.75
N PHE A 306 0.71 -17.20 -6.31
CA PHE A 306 -0.14 -18.02 -7.16
C PHE A 306 -0.73 -17.23 -8.31
N MET A 307 -1.00 -15.94 -8.12
CA MET A 307 -1.43 -15.14 -9.24
C MET A 307 -0.24 -14.93 -10.26
N ASP A 308 0.95 -14.69 -9.76
CA ASP A 308 2.12 -14.61 -10.62
C ASP A 308 2.19 -15.86 -11.49
N ALA A 309 2.10 -17.03 -10.84
CA ALA A 309 2.10 -18.32 -11.49
C ALA A 309 1.03 -18.46 -12.55
N ALA A 310 -0.22 -18.14 -12.20
CA ALA A 310 -1.33 -18.27 -13.13
C ALA A 310 -1.07 -17.43 -14.38
N GLU A 311 -0.60 -16.22 -14.21
CA GLU A 311 -0.40 -15.36 -15.36
C GLU A 311 0.80 -15.81 -16.19
N LEU A 312 1.84 -16.30 -15.55
CA LEU A 312 3.00 -16.75 -16.29
C LEU A 312 2.64 -17.99 -17.09
N ILE A 313 1.93 -18.93 -16.45
CA ILE A 313 1.45 -20.15 -17.10
C ILE A 313 0.68 -19.80 -18.36
N ALA A 314 -0.30 -18.90 -18.22
CA ALA A 314 -1.15 -18.55 -19.37
C ALA A 314 -0.30 -17.98 -20.52
N GLU A 315 0.67 -17.13 -20.19
N GLU A 315 0.65 -17.12 -20.18
CA GLU A 315 1.45 -16.46 -21.21
CA GLU A 315 1.46 -16.46 -21.20
C GLU A 315 2.36 -17.44 -21.93
C GLU A 315 2.36 -17.43 -21.92
N LEU A 316 3.00 -18.33 -21.19
CA LEU A 316 3.92 -19.29 -21.79
C LEU A 316 3.17 -20.32 -22.63
N LYS A 317 1.99 -20.77 -22.18
CA LYS A 317 1.22 -21.73 -22.96
C LYS A 317 0.86 -21.07 -24.29
N ARG A 318 0.45 -19.81 -24.24
CA ARG A 318 0.13 -19.10 -25.46
C ARG A 318 1.34 -18.99 -26.38
N LEU A 319 2.47 -18.54 -25.82
CA LEU A 319 3.66 -18.33 -26.66
C LEU A 319 4.06 -19.65 -27.30
N HIS A 320 4.01 -20.71 -26.52
CA HIS A 320 4.39 -22.01 -27.02
C HIS A 320 3.41 -22.43 -28.12
N ARG A 321 2.11 -22.25 -27.93
CA ARG A 321 1.13 -22.56 -28.98
C ARG A 321 1.43 -21.85 -30.29
N GLN A 322 1.91 -20.62 -30.22
CA GLN A 322 2.19 -19.82 -31.42
C GLN A 322 3.60 -20.03 -31.98
N GLY A 323 4.36 -20.98 -31.42
CA GLY A 323 5.70 -21.25 -31.89
C GLY A 323 6.71 -20.16 -31.59
N LYS A 324 6.45 -19.34 -30.60
CA LYS A 324 7.35 -18.25 -30.26
C LYS A 324 8.42 -18.69 -29.27
N ASP A 325 9.51 -17.95 -29.22
CA ASP A 325 10.62 -18.22 -28.31
C ASP A 325 10.22 -17.77 -26.91
N ILE A 326 9.93 -18.73 -26.03
CA ILE A 326 9.35 -18.40 -24.72
C ILE A 326 10.32 -17.64 -23.82
N GLY A 327 11.58 -17.52 -24.23
CA GLY A 327 12.59 -16.86 -23.43
C GLY A 327 12.88 -15.42 -23.83
N GLN A 328 12.32 -14.93 -24.93
CA GLN A 328 12.65 -13.58 -25.34
C GLN A 328 11.90 -12.53 -24.54
N TYR A 329 12.64 -11.53 -24.08
CA TYR A 329 12.08 -10.46 -23.29
C TYR A 329 10.93 -9.76 -24.01
N ILE A 330 10.97 -9.68 -25.34
CA ILE A 330 9.90 -9.01 -26.03
C ILE A 330 8.52 -9.65 -25.73
N TYR A 331 8.51 -10.94 -25.43
CA TYR A 331 7.29 -11.67 -25.13
C TYR A 331 7.08 -11.72 -23.61
N LEU A 332 8.14 -11.84 -22.83
CA LEU A 332 7.98 -11.87 -21.35
C LEU A 332 7.52 -10.54 -20.73
N ARG A 333 7.70 -9.44 -21.45
CA ARG A 333 7.36 -8.14 -20.88
C ARG A 333 5.84 -7.94 -20.77
N ARG A 334 5.07 -8.79 -21.44
CA ARG A 334 3.61 -8.81 -21.29
C ARG A 334 3.25 -9.29 -19.85
N TYR A 335 3.88 -10.38 -19.43
CA TYR A 335 3.76 -10.88 -18.08
C TYR A 335 4.22 -9.80 -17.08
N GLU A 336 5.37 -9.20 -17.36
CA GLU A 336 5.95 -8.21 -16.45
C GLU A 336 5.03 -7.05 -16.23
N ARG A 337 4.49 -6.54 -17.32
CA ARG A 337 3.60 -5.41 -17.33
C ARG A 337 2.40 -5.72 -16.45
N SER A 338 1.88 -6.92 -16.56
CA SER A 338 0.75 -7.31 -15.75
C SER A 338 1.07 -7.34 -14.26
N ARG A 339 2.20 -7.93 -13.88
CA ARG A 339 2.60 -7.98 -12.48
CA ARG A 339 2.57 -7.97 -12.47
C ARG A 339 2.88 -6.60 -11.91
N LYS A 340 3.47 -5.72 -12.72
CA LYS A 340 3.78 -4.36 -12.26
C LYS A 340 2.52 -3.52 -12.06
N HIS A 341 1.54 -3.68 -12.94
CA HIS A 341 0.28 -2.95 -12.84
C HIS A 341 -0.45 -3.40 -11.60
N SER A 342 -0.41 -4.70 -11.37
CA SER A 342 -0.98 -5.26 -10.16
C SER A 342 -0.25 -4.83 -8.87
N ALA A 343 1.09 -4.86 -8.87
CA ALA A 343 1.87 -4.35 -7.75
C ALA A 343 1.46 -2.91 -7.39
N ALA A 344 1.31 -2.08 -8.42
CA ALA A 344 1.01 -0.71 -8.28
C ALA A 344 -0.34 -0.53 -7.62
N LEU A 345 -1.34 -1.27 -8.09
CA LEU A 345 -2.66 -1.15 -7.48
C LEU A 345 -2.66 -1.62 -6.05
N MET A 346 -1.85 -2.63 -5.73
CA MET A 346 -1.75 -3.08 -4.34
C MET A 346 -1.17 -1.97 -3.44
N LEU A 347 0.00 -1.45 -3.81
CA LEU A 347 0.67 -0.44 -3.02
C LEU A 347 -0.15 0.85 -2.94
N ALA A 348 -0.86 1.19 -4.02
CA ALA A 348 -1.69 2.39 -4.05
C ALA A 348 -2.95 2.26 -3.17
N GLY A 349 -3.17 1.08 -2.59
CA GLY A 349 -4.35 0.82 -1.77
C GLY A 349 -5.61 0.53 -2.55
N MET A 350 -5.48 0.21 -3.84
CA MET A 350 -6.65 0.10 -4.69
C MET A 350 -7.12 -1.31 -5.00
N GLN A 351 -6.38 -2.30 -4.53
CA GLN A 351 -6.68 -3.70 -4.76
C GLN A 351 -7.31 -4.42 -3.56
N GLY A 352 -6.93 -3.95 -2.37
CA GLY A 352 -7.38 -4.54 -1.12
C GLY A 352 -8.87 -4.78 -1.02
N PHE A 353 -9.67 -3.78 -1.40
CA PHE A 353 -11.13 -3.88 -1.33
C PHE A 353 -11.67 -5.06 -2.11
N ARG A 354 -11.18 -5.21 -3.33
CA ARG A 354 -11.61 -6.29 -4.23
C ARG A 354 -11.27 -7.65 -3.64
N ASP A 355 -10.09 -7.76 -3.03
CA ASP A 355 -9.70 -9.04 -2.42
C ASP A 355 -10.47 -9.30 -1.13
N LEU A 356 -10.73 -8.26 -0.36
CA LEU A 356 -11.45 -8.42 0.90
C LEU A 356 -12.85 -9.04 0.68
N PHE A 357 -13.51 -8.62 -0.38
CA PHE A 357 -14.86 -9.03 -0.69
C PHE A 357 -14.97 -10.21 -1.65
N SER A 358 -13.87 -10.89 -1.94
CA SER A 358 -13.86 -11.92 -2.96
C SER A 358 -14.39 -13.22 -2.39
N GLY A 359 -14.80 -14.11 -3.28
CA GLY A 359 -15.32 -15.39 -2.83
C GLY A 359 -15.60 -16.27 -4.02
N THR A 360 -16.07 -17.50 -3.78
CA THR A 360 -16.26 -18.46 -4.87
C THR A 360 -17.73 -18.61 -5.20
N ASN A 361 -18.03 -18.51 -6.49
CA ASN A 361 -19.39 -18.81 -6.97
C ASN A 361 -19.75 -20.28 -6.97
N PRO A 362 -21.00 -20.62 -6.65
CA PRO A 362 -21.33 -22.03 -6.77
C PRO A 362 -21.13 -22.46 -8.22
N ALA A 363 -21.68 -21.69 -9.17
CA ALA A 363 -21.64 -22.00 -10.60
C ALA A 363 -22.56 -21.04 -11.35
N GLN B 2 18.80 37.11 8.62
CA GLN B 2 20.19 36.75 8.88
C GLN B 2 20.33 35.54 9.84
N SER B 3 19.68 35.59 10.99
CA SER B 3 19.75 34.49 11.97
C SER B 3 18.39 34.03 12.47
N VAL B 4 18.09 32.75 12.26
CA VAL B 4 16.84 32.17 12.73
C VAL B 4 17.04 30.84 13.42
N ASP B 5 16.04 30.38 14.16
CA ASP B 5 16.09 29.02 14.70
C ASP B 5 15.83 27.95 13.65
N VAL B 6 14.82 28.20 12.84
CA VAL B 6 14.26 27.24 11.92
C VAL B 6 14.12 27.89 10.55
N ALA B 7 14.69 27.29 9.51
CA ALA B 7 14.44 27.76 8.16
C ALA B 7 13.63 26.71 7.39
N ILE B 8 12.44 27.09 6.96
CA ILE B 8 11.56 26.19 6.23
C ILE B 8 11.71 26.43 4.73
N VAL B 9 12.20 25.42 4.02
CA VAL B 9 12.43 25.55 2.59
C VAL B 9 11.17 25.06 1.86
N GLY B 10 10.41 26.01 1.33
CA GLY B 10 9.15 25.68 0.67
C GLY B 10 8.01 26.34 1.42
N GLY B 11 7.17 27.07 0.69
CA GLY B 11 6.07 27.80 1.31
C GLY B 11 4.69 27.32 0.85
N GLY B 12 4.56 26.02 0.62
CA GLY B 12 3.29 25.41 0.27
C GLY B 12 2.46 25.14 1.53
N MET B 13 1.35 24.41 1.39
CA MET B 13 0.47 24.20 2.52
C MET B 13 1.20 23.57 3.70
N VAL B 14 2.07 22.63 3.42
CA VAL B 14 2.70 21.88 4.51
C VAL B 14 3.75 22.73 5.23
N GLY B 15 4.58 23.44 4.48
CA GLY B 15 5.57 24.29 5.10
C GLY B 15 4.92 25.41 5.93
N LEU B 16 3.84 25.98 5.42
CA LEU B 16 3.15 27.02 6.14
C LEU B 16 2.51 26.48 7.38
N ALA B 17 1.99 25.27 7.32
CA ALA B 17 1.39 24.65 8.48
C ALA B 17 2.43 24.44 9.59
N VAL B 18 3.65 24.05 9.25
CA VAL B 18 4.71 23.93 10.27
C VAL B 18 5.01 25.32 10.87
N ALA B 19 5.15 26.33 10.03
CA ALA B 19 5.50 27.66 10.49
C ALA B 19 4.40 28.19 11.40
N CYS B 20 3.15 28.07 10.96
CA CYS B 20 2.02 28.56 11.77
C CYS B 20 1.97 27.78 13.06
N GLY B 21 2.23 26.49 12.97
CA GLY B 21 2.19 25.60 14.11
C GLY B 21 3.19 25.95 15.21
N LEU B 22 4.36 26.42 14.83
CA LEU B 22 5.38 26.74 15.81
C LEU B 22 5.07 28.01 16.59
N GLN B 23 4.18 28.86 16.06
CA GLN B 23 3.89 30.17 16.65
C GLN B 23 3.44 30.01 18.10
N GLY B 24 4.02 30.82 18.98
CA GLY B 24 3.79 30.68 20.41
C GLY B 24 4.99 30.06 21.11
N SER B 25 5.87 29.43 20.34
CA SER B 25 7.00 28.75 20.92
C SER B 25 8.15 29.71 21.23
N GLY B 26 8.25 30.82 20.52
CA GLY B 26 9.38 31.72 20.66
C GLY B 26 10.48 31.43 19.63
N LEU B 27 10.30 30.37 18.83
CA LEU B 27 11.27 30.04 17.80
C LEU B 27 11.15 31.09 16.71
N ARG B 28 12.30 31.61 16.28
CA ARG B 28 12.38 32.48 15.10
C ARG B 28 12.36 31.60 13.87
N VAL B 29 11.38 31.81 13.00
CA VAL B 29 11.13 30.96 11.84
C VAL B 29 11.23 31.76 10.55
N ALA B 30 11.94 31.23 9.56
CA ALA B 30 11.93 31.82 8.22
C ALA B 30 11.31 30.82 7.23
N VAL B 31 10.43 31.32 6.36
CA VAL B 31 9.89 30.51 5.29
C VAL B 31 10.49 31.03 4.01
N LEU B 32 11.17 30.17 3.26
CA LEU B 32 11.80 30.57 1.99
C LEU B 32 11.03 29.94 0.87
N GLU B 33 10.36 30.76 0.06
CA GLU B 33 9.66 30.26 -1.12
C GLU B 33 10.64 29.84 -2.21
N GLN B 34 10.39 28.67 -2.81
CA GLN B 34 11.24 28.19 -3.91
C GLN B 34 10.60 28.44 -5.28
N ASN B 43 -12.23 36.32 -4.79
CA ASN B 43 -13.23 36.46 -5.85
C ASN B 43 -13.02 35.54 -7.07
N ALA B 44 -12.51 34.34 -6.84
CA ALA B 44 -12.21 33.43 -7.95
C ALA B 44 -13.13 32.19 -7.97
N PRO B 45 -13.40 31.61 -9.18
CA PRO B 45 -14.27 30.43 -9.35
C PRO B 45 -13.65 29.15 -8.76
N PRO B 46 -14.45 28.06 -8.61
CA PRO B 46 -14.02 26.79 -7.98
C PRO B 46 -12.83 26.06 -8.65
N GLN B 47 -11.66 26.16 -8.02
CA GLN B 47 -10.42 25.60 -8.53
C GLN B 47 -10.48 24.08 -8.74
N LEU B 48 -9.69 23.58 -9.69
CA LEU B 48 -9.82 22.18 -10.09
C LEU B 48 -9.14 21.21 -9.12
N ARG B 49 -8.18 21.70 -8.34
N ARG B 49 -8.16 21.70 -8.36
CA ARG B 49 -7.49 20.85 -7.38
CA ARG B 49 -7.46 20.85 -7.40
C ARG B 49 -8.09 20.94 -5.98
C ARG B 49 -8.12 20.94 -6.02
N VAL B 50 -8.65 19.81 -5.54
CA VAL B 50 -9.27 19.74 -4.23
C VAL B 50 -8.71 18.54 -3.50
N SER B 51 -8.87 18.59 -2.18
CA SER B 51 -8.50 17.50 -1.28
C SER B 51 -9.70 17.12 -0.41
N ALA B 52 -9.75 15.87 0.01
CA ALA B 52 -10.72 15.42 1.00
C ALA B 52 -10.04 15.57 2.33
N ILE B 53 -10.40 16.61 3.06
CA ILE B 53 -9.78 16.92 4.34
C ILE B 53 -10.38 16.10 5.51
N ASN B 54 -9.57 15.23 6.10
CA ASN B 54 -10.06 14.32 7.11
C ASN B 54 -10.12 14.95 8.49
N ALA B 55 -10.55 14.18 9.48
CA ALA B 55 -10.81 14.72 10.80
C ALA B 55 -9.52 15.20 11.49
N ALA B 56 -8.41 14.50 11.31
CA ALA B 56 -7.12 14.90 11.93
C ALA B 56 -6.58 16.19 11.30
N SER B 57 -6.72 16.38 10.00
CA SER B 57 -6.33 17.64 9.36
C SER B 57 -7.20 18.80 9.81
N GLU B 58 -8.52 18.56 9.95
CA GLU B 58 -9.42 19.57 10.46
C GLU B 58 -9.00 20.01 11.88
N LYS B 59 -8.64 19.06 12.72
CA LYS B 59 -8.12 19.38 14.08
C LYS B 59 -6.85 20.24 14.02
N LEU B 60 -5.89 19.86 13.18
CA LEU B 60 -4.71 20.68 12.99
C LEU B 60 -5.05 22.10 12.56
N LEU B 61 -5.87 22.22 11.54
CA LEU B 61 -6.17 23.54 11.02
C LEU B 61 -6.88 24.39 12.07
N THR B 62 -7.73 23.78 12.89
CA THR B 62 -8.37 24.47 14.01
C THR B 62 -7.34 24.91 15.06
N ARG B 63 -6.46 24.03 15.49
CA ARG B 63 -5.37 24.43 16.40
C ARG B 63 -4.59 25.63 15.84
N LEU B 64 -4.44 25.65 14.52
CA LEU B 64 -3.70 26.71 13.83
C LEU B 64 -4.51 27.98 13.64
N GLY B 65 -5.81 27.90 13.86
CA GLY B 65 -6.65 29.07 13.82
C GLY B 65 -7.07 29.50 12.44
N VAL B 66 -7.06 28.58 11.48
CA VAL B 66 -7.42 28.91 10.08
C VAL B 66 -8.62 28.13 9.54
N TRP B 67 -9.17 27.21 10.31
CA TRP B 67 -10.24 26.36 9.82
C TRP B 67 -11.50 27.18 9.53
N GLN B 68 -11.85 28.07 10.45
N GLN B 68 -11.85 28.07 10.45
CA GLN B 68 -13.05 28.88 10.25
CA GLN B 68 -13.02 28.90 10.28
C GLN B 68 -12.90 29.79 9.04
C GLN B 68 -12.89 29.79 9.05
N ASP B 69 -11.68 30.31 8.82
CA ASP B 69 -11.40 31.09 7.60
C ASP B 69 -11.70 30.24 6.35
N ILE B 70 -11.29 28.98 6.40
CA ILE B 70 -11.52 28.05 5.28
C ILE B 70 -13.00 27.78 5.08
N LEU B 71 -13.73 27.50 6.17
CA LEU B 71 -15.18 27.26 6.08
C LEU B 71 -15.95 28.48 5.55
N SER B 72 -15.50 29.68 5.90
N SER B 72 -15.49 29.67 5.91
CA SER B 72 -16.16 30.91 5.45
CA SER B 72 -16.13 30.89 5.46
C SER B 72 -15.86 31.26 4.00
C SER B 72 -15.93 31.06 3.96
N ARG B 73 -14.68 30.89 3.52
CA ARG B 73 -14.32 31.13 2.13
C ARG B 73 -15.08 30.15 1.24
N ARG B 74 -14.73 28.87 1.31
CA ARG B 74 -15.40 27.86 0.48
C ARG B 74 -14.98 26.46 0.95
N ALA B 75 -15.97 25.67 1.35
CA ALA B 75 -15.72 24.31 1.85
C ALA B 75 -16.99 23.49 1.71
N SER B 76 -16.86 22.20 1.40
CA SER B 76 -18.02 21.33 1.20
C SER B 76 -17.97 20.16 2.19
N CYS B 77 -18.94 20.09 3.08
CA CYS B 77 -18.97 19.09 4.14
C CYS B 77 -19.64 17.80 3.63
N TYR B 78 -19.06 16.63 3.86
CA TYR B 78 -19.73 15.37 3.49
C TYR B 78 -20.01 14.53 4.73
N HIS B 79 -21.15 13.85 4.69
CA HIS B 79 -21.73 13.17 5.84
C HIS B 79 -21.86 11.68 5.64
N GLY B 80 -21.68 11.24 4.41
CA GLY B 80 -21.84 9.84 4.10
C GLY B 80 -20.76 9.34 3.16
N MET B 81 -20.67 8.02 3.09
CA MET B 81 -19.69 7.33 2.29
C MET B 81 -20.34 6.12 1.63
N GLU B 82 -20.07 5.94 0.34
CA GLU B 82 -20.58 4.78 -0.37
C GLU B 82 -19.47 4.29 -1.31
N VAL B 83 -19.02 3.06 -1.10
CA VAL B 83 -17.92 2.46 -1.88
C VAL B 83 -18.42 1.14 -2.44
N TRP B 84 -18.16 0.90 -3.71
CA TRP B 84 -18.52 -0.40 -4.29
C TRP B 84 -17.56 -0.77 -5.42
N ASP B 85 -17.90 -1.84 -6.13
CA ASP B 85 -16.96 -2.45 -7.07
C ASP B 85 -17.64 -2.68 -8.39
N LYS B 86 -16.90 -2.40 -9.45
CA LYS B 86 -17.41 -2.37 -10.79
C LYS B 86 -17.77 -3.77 -11.27
N ASP B 87 -17.06 -4.77 -10.78
CA ASP B 87 -17.18 -6.12 -11.34
C ASP B 87 -17.70 -7.18 -10.35
N SER B 88 -17.74 -6.84 -9.08
CA SER B 88 -18.13 -7.78 -8.05
C SER B 88 -19.09 -7.12 -7.07
N PHE B 89 -19.49 -7.86 -6.03
CA PHE B 89 -20.66 -7.48 -5.20
C PHE B 89 -20.42 -6.77 -3.82
N GLY B 90 -19.16 -6.57 -3.46
CA GLY B 90 -18.79 -5.89 -2.22
C GLY B 90 -19.19 -4.42 -2.17
N HIS B 91 -19.53 -3.97 -0.98
CA HIS B 91 -19.86 -2.58 -0.81
C HIS B 91 -19.63 -2.16 0.63
N ILE B 92 -19.27 -0.90 0.81
CA ILE B 92 -19.18 -0.30 2.11
C ILE B 92 -20.04 0.93 2.02
N SER B 93 -20.95 1.07 2.97
CA SER B 93 -21.90 2.18 3.01
C SER B 93 -22.13 2.56 4.45
N PHE B 94 -21.90 3.81 4.80
CA PHE B 94 -22.11 4.25 6.17
C PHE B 94 -22.24 5.74 6.13
N ASP B 95 -22.80 6.31 7.19
CA ASP B 95 -22.90 7.75 7.33
C ASP B 95 -22.34 8.22 8.66
N ASP B 96 -22.24 9.53 8.81
CA ASP B 96 -21.76 10.09 10.07
C ASP B 96 -22.62 9.60 11.26
N GLN B 97 -23.93 9.57 11.11
CA GLN B 97 -24.76 9.23 12.27
C GLN B 97 -24.49 7.84 12.80
N SER B 98 -24.30 6.86 11.91
CA SER B 98 -24.03 5.51 12.36
C SER B 98 -22.82 5.39 13.27
N MET B 99 -21.98 6.42 13.29
CA MET B 99 -20.79 6.35 14.11
C MET B 99 -20.63 7.46 15.14
N GLY B 100 -21.66 8.28 15.28
CA GLY B 100 -21.69 9.31 16.28
C GLY B 100 -20.96 10.56 15.87
N TYR B 101 -20.75 10.72 14.56
CA TYR B 101 -20.06 11.87 14.01
C TYR B 101 -21.02 12.94 13.53
N SER B 102 -20.57 14.19 13.57
CA SER B 102 -21.32 15.31 12.98
C SER B 102 -21.09 15.37 11.46
N HIS B 103 -19.94 14.84 11.03
CA HIS B 103 -19.60 14.78 9.61
C HIS B 103 -18.39 13.86 9.42
N LEU B 104 -18.15 13.43 8.17
CA LEU B 104 -16.99 12.56 7.90
C LEU B 104 -15.78 13.39 7.51
N GLY B 105 -15.97 14.35 6.59
CA GLY B 105 -14.84 15.16 6.15
C GLY B 105 -15.30 16.38 5.39
N HIS B 106 -14.35 17.11 4.83
CA HIS B 106 -14.69 18.21 3.92
C HIS B 106 -13.93 18.09 2.62
N ILE B 107 -14.58 18.47 1.53
CA ILE B 107 -13.92 18.68 0.26
C ILE B 107 -13.56 20.16 0.14
N VAL B 108 -12.26 20.44 0.07
CA VAL B 108 -11.78 21.81 0.09
C VAL B 108 -10.78 22.05 -1.02
N GLU B 109 -10.89 23.18 -1.68
CA GLU B 109 -9.92 23.57 -2.70
C GLU B 109 -8.56 23.80 -2.05
N ASN B 110 -7.50 23.25 -2.66
CA ASN B 110 -6.16 23.40 -2.12
C ASN B 110 -5.77 24.88 -2.01
N SER B 111 -6.12 25.70 -3.01
CA SER B 111 -5.73 27.11 -2.99
C SER B 111 -6.40 27.87 -1.84
N VAL B 112 -7.60 27.43 -1.45
CA VAL B 112 -8.29 28.03 -0.30
C VAL B 112 -7.50 27.73 1.00
N ILE B 113 -7.06 26.49 1.15
CA ILE B 113 -6.29 26.12 2.35
C ILE B 113 -5.00 26.92 2.37
N HIS B 114 -4.31 26.96 1.23
CA HIS B 114 -3.03 27.62 1.16
C HIS B 114 -3.20 29.10 1.49
N TYR B 115 -4.23 29.71 0.91
CA TYR B 115 -4.45 31.12 1.19
C TYR B 115 -4.66 31.41 2.68
N ALA B 116 -5.45 30.57 3.34
CA ALA B 116 -5.74 30.76 4.75
C ALA B 116 -4.44 30.67 5.55
N LEU B 117 -3.62 29.68 5.24
CA LEU B 117 -2.36 29.48 5.95
C LEU B 117 -1.35 30.61 5.68
N TRP B 118 -1.37 31.11 4.45
CA TRP B 118 -0.47 32.17 4.04
C TRP B 118 -0.79 33.47 4.79
N ASN B 119 -2.07 33.81 4.87
CA ASN B 119 -2.46 34.97 5.66
C ASN B 119 -2.05 34.83 7.10
N LYS B 120 -2.36 33.68 7.69
CA LYS B 120 -2.01 33.43 9.09
C LYS B 120 -0.51 33.60 9.30
N ALA B 121 0.31 33.13 8.34
CA ALA B 121 1.77 33.21 8.45
C ALA B 121 2.25 34.66 8.47
N HIS B 122 1.65 35.51 7.63
CA HIS B 122 1.98 36.93 7.65
C HIS B 122 1.65 37.63 8.96
N GLN B 123 0.62 37.17 9.63
CA GLN B 123 0.18 37.74 10.91
C GLN B 123 0.92 37.17 12.12
N SER B 124 1.87 36.29 11.86
CA SER B 124 2.57 35.62 12.94
C SER B 124 3.88 36.34 13.18
N SER B 125 4.07 36.83 14.40
CA SER B 125 5.18 37.72 14.71
C SER B 125 6.55 37.07 14.60
N ASP B 126 6.64 35.75 14.79
CA ASP B 126 7.91 35.05 14.75
C ASP B 126 8.21 34.44 13.39
N ILE B 127 7.35 34.68 12.41
CA ILE B 127 7.56 34.15 11.06
C ILE B 127 8.00 35.24 10.10
N THR B 128 9.07 34.97 9.37
CA THR B 128 9.47 35.84 8.27
C THR B 128 9.31 35.09 6.95
N LEU B 129 8.45 35.60 6.08
CA LEU B 129 8.23 34.99 4.77
C LEU B 129 9.11 35.69 3.76
N LEU B 130 9.92 34.91 3.07
CA LEU B 130 10.79 35.43 2.03
C LEU B 130 10.29 34.86 0.71
N ALA B 131 9.90 35.72 -0.23
CA ALA B 131 9.12 35.27 -1.40
C ALA B 131 9.97 34.99 -2.64
N PRO B 132 10.84 35.93 -3.02
CA PRO B 132 11.94 35.48 -3.85
C PRO B 132 13.08 34.96 -2.96
N ALA B 133 13.12 33.65 -2.70
CA ALA B 133 14.21 33.11 -1.86
C ALA B 133 14.67 31.68 -2.20
N GLU B 134 14.92 31.42 -3.47
CA GLU B 134 15.46 30.11 -3.89
C GLU B 134 16.83 29.85 -3.25
N LEU B 135 17.11 28.59 -2.92
CA LEU B 135 18.40 28.22 -2.37
C LEU B 135 19.46 28.01 -3.45
N GLN B 136 20.67 28.46 -3.15
CA GLN B 136 21.81 28.20 -3.99
C GLN B 136 22.71 27.15 -3.36
N GLN B 137 22.88 27.24 -2.05
CA GLN B 137 23.80 26.33 -1.38
C GLN B 137 23.42 26.15 0.07
N VAL B 138 23.86 25.03 0.62
CA VAL B 138 23.72 24.81 2.05
C VAL B 138 24.98 24.13 2.54
N ALA B 139 25.50 24.65 3.65
CA ALA B 139 26.61 24.07 4.37
C ALA B 139 26.10 23.57 5.74
N TRP B 140 26.30 22.28 6.00
CA TRP B 140 25.83 21.62 7.20
C TRP B 140 26.86 21.68 8.31
N GLY B 141 26.99 22.83 8.96
CA GLY B 141 27.96 23.00 10.04
C GLY B 141 27.60 22.18 11.25
N GLU B 142 28.58 21.91 12.12
CA GLU B 142 28.30 21.17 13.35
C GLU B 142 27.26 21.89 14.21
N ASN B 143 27.40 23.22 14.34
CA ASN B 143 26.60 23.97 15.33
C ASN B 143 25.46 24.72 14.68
N GLU B 144 25.58 24.98 13.39
CA GLU B 144 24.52 25.65 12.68
C GLU B 144 24.61 25.38 11.18
N THR B 145 23.55 25.72 10.47
CA THR B 145 23.50 25.56 9.02
CA THR B 145 23.51 25.57 9.02
C THR B 145 23.62 26.93 8.36
N PHE B 146 24.27 26.94 7.21
CA PHE B 146 24.49 28.16 6.45
C PHE B 146 23.81 28.06 5.09
N LEU B 147 22.83 28.92 4.89
CA LEU B 147 22.01 28.90 3.69
C LEU B 147 22.36 30.12 2.84
N THR B 148 22.71 29.87 1.59
CA THR B 148 22.98 30.94 0.65
C THR B 148 21.86 30.96 -0.38
N LEU B 149 21.18 32.10 -0.47
CA LEU B 149 20.11 32.30 -1.43
C LEU B 149 20.69 32.73 -2.77
N LYS B 150 19.87 32.68 -3.83
CA LYS B 150 20.36 32.94 -5.17
C LYS B 150 20.83 34.38 -5.34
N ASP B 151 20.30 35.33 -4.58
CA ASP B 151 20.82 36.69 -4.63
C ASP B 151 22.17 36.81 -3.91
N GLY B 152 22.69 35.70 -3.39
CA GLY B 152 23.99 35.74 -2.71
C GLY B 152 23.92 36.11 -1.23
N SER B 153 22.74 36.54 -0.77
CA SER B 153 22.53 36.81 0.65
C SER B 153 22.53 35.51 1.46
N MET B 154 22.89 35.62 2.73
CA MET B 154 23.10 34.46 3.56
C MET B 154 22.18 34.44 4.76
N LEU B 155 21.95 33.23 5.27
CA LEU B 155 21.04 33.01 6.38
C LEU B 155 21.55 31.84 7.20
N THR B 156 21.58 32.01 8.52
CA THR B 156 21.94 30.91 9.42
C THR B 156 20.73 30.32 10.17
N ALA B 157 20.75 28.99 10.36
CA ALA B 157 19.67 28.28 11.04
C ALA B 157 20.16 27.12 11.93
N ARG B 158 19.55 26.92 13.10
N ARG B 158 19.52 26.94 13.07
CA ARG B 158 19.86 25.72 13.88
CA ARG B 158 19.78 25.77 13.90
C ARG B 158 19.31 24.48 13.19
C ARG B 158 19.28 24.49 13.23
N LEU B 159 18.22 24.64 12.43
CA LEU B 159 17.51 23.50 11.82
C LEU B 159 16.91 23.90 10.49
N VAL B 160 17.11 23.07 9.47
CA VAL B 160 16.45 23.28 8.18
C VAL B 160 15.30 22.28 8.05
N ILE B 161 14.14 22.75 7.64
CA ILE B 161 13.02 21.87 7.39
C ILE B 161 12.70 21.91 5.91
N GLY B 162 12.74 20.76 5.24
CA GLY B 162 12.42 20.71 3.83
C GLY B 162 10.95 20.46 3.66
N ALA B 163 10.29 21.41 3.01
CA ALA B 163 8.88 21.32 2.74
C ALA B 163 8.66 21.74 1.29
N ASP B 164 9.58 21.36 0.40
CA ASP B 164 9.52 21.77 -1.00
C ASP B 164 9.25 20.57 -1.92
N GLY B 165 7.98 20.22 -2.07
CA GLY B 165 7.60 19.05 -2.84
C GLY B 165 8.31 17.80 -2.35
N ALA B 166 8.96 17.11 -3.28
CA ALA B 166 9.68 15.88 -2.95
C ALA B 166 11.03 16.14 -2.25
N ASN B 167 11.39 17.41 -2.11
CA ASN B 167 12.66 17.77 -1.45
C ASN B 167 13.89 17.16 -2.06
N SER B 168 13.91 17.06 -3.39
CA SER B 168 15.02 16.42 -4.07
C SER B 168 16.34 17.10 -3.80
N TRP B 169 16.29 18.41 -3.80
CA TRP B 169 17.50 19.20 -3.66
C TRP B 169 18.17 18.99 -2.30
N LEU B 170 17.41 19.15 -1.23
CA LEU B 170 17.94 18.95 0.11
C LEU B 170 18.32 17.50 0.38
N ARG B 171 17.50 16.57 -0.10
CA ARG B 171 17.78 15.19 0.11
C ARG B 171 19.07 14.80 -0.61
N ASN B 172 19.28 15.40 -1.77
CA ASN B 172 20.52 15.19 -2.51
C ASN B 172 21.72 15.70 -1.73
N LYS B 173 21.60 16.87 -1.15
CA LYS B 173 22.69 17.44 -0.36
C LYS B 173 22.97 16.65 0.89
N ALA B 174 21.94 16.04 1.47
CA ALA B 174 22.16 15.22 2.68
C ALA B 174 22.40 13.72 2.38
N ASP B 175 22.31 13.36 1.10
CA ASP B 175 22.51 12.01 0.58
C ASP B 175 21.50 11.03 1.21
N ILE B 176 20.24 11.47 1.30
CA ILE B 176 19.15 10.61 1.77
C ILE B 176 18.03 10.62 0.74
N PRO B 177 18.28 10.03 -0.42
CA PRO B 177 17.27 10.03 -1.50
C PRO B 177 16.01 9.23 -1.19
N LEU B 178 14.92 9.69 -1.78
CA LEU B 178 13.66 8.95 -1.78
C LEU B 178 13.74 7.84 -2.79
N THR B 179 12.89 6.86 -2.60
CA THR B 179 12.63 5.83 -3.60
C THR B 179 11.32 6.16 -4.32
N PHE B 180 11.41 6.32 -5.64
CA PHE B 180 10.24 6.64 -6.49
C PHE B 180 9.64 5.38 -7.05
N TRP B 181 8.31 5.32 -6.99
CA TRP B 181 7.58 4.16 -7.48
C TRP B 181 6.41 4.61 -8.35
N ASP B 182 6.47 4.23 -9.60
CA ASP B 182 5.48 4.55 -10.65
C ASP B 182 4.25 3.72 -10.39
N TYR B 183 3.10 4.35 -10.16
CA TYR B 183 1.91 3.55 -9.92
C TYR B 183 1.17 3.17 -11.21
N GLN B 184 1.79 3.44 -12.37
CA GLN B 184 1.38 2.87 -13.65
C GLN B 184 0.01 3.36 -14.15
N HIS B 185 -0.55 4.33 -13.47
CA HIS B 185 -1.86 4.87 -13.76
C HIS B 185 -1.78 6.37 -13.51
N HIS B 186 -2.65 7.09 -14.21
CA HIS B 186 -2.79 8.52 -14.06
C HIS B 186 -4.18 8.80 -13.54
N ALA B 187 -4.33 9.94 -12.88
CA ALA B 187 -5.63 10.39 -12.38
C ALA B 187 -6.14 11.52 -13.23
N LEU B 188 -7.38 11.40 -13.67
CA LEU B 188 -8.09 12.48 -14.35
C LEU B 188 -9.01 13.15 -13.34
N VAL B 189 -8.96 14.47 -13.30
CA VAL B 189 -9.84 15.25 -12.43
C VAL B 189 -10.64 16.29 -13.22
N ALA B 190 -11.81 16.60 -12.72
CA ALA B 190 -12.73 17.51 -13.38
C ALA B 190 -13.93 17.72 -12.49
N THR B 191 -14.68 18.77 -12.78
CA THR B 191 -15.94 19.08 -12.10
C THR B 191 -17.12 18.58 -12.94
N ILE B 192 -17.98 17.77 -12.34
CA ILE B 192 -19.05 17.08 -13.05
C ILE B 192 -20.40 17.50 -12.46
N ARG B 193 -21.35 17.91 -13.32
CA ARG B 193 -22.71 18.15 -12.88
C ARG B 193 -23.49 16.88 -13.16
N THR B 194 -24.20 16.38 -12.15
CA THR B 194 -24.99 15.16 -12.27
C THR B 194 -26.49 15.45 -12.19
N GLU B 195 -27.26 14.57 -12.82
CA GLU B 195 -28.74 14.60 -12.80
C GLU B 195 -29.32 14.50 -11.38
N GLU B 196 -28.87 13.51 -10.61
CA GLU B 196 -29.31 13.35 -9.23
C GLU B 196 -28.40 14.18 -8.31
N PRO B 197 -28.97 14.71 -7.20
CA PRO B 197 -28.11 15.37 -6.20
C PRO B 197 -27.22 14.36 -5.50
N HIS B 198 -26.04 14.79 -5.05
CA HIS B 198 -25.12 13.85 -4.41
C HIS B 198 -25.43 13.62 -2.94
N ASP B 199 -26.25 14.49 -2.35
CA ASP B 199 -26.66 14.41 -0.93
C ASP B 199 -25.49 14.41 0.06
N ALA B 200 -24.47 15.20 -0.24
CA ALA B 200 -23.27 15.27 0.58
C ALA B 200 -22.69 13.89 0.91
N VAL B 201 -22.83 12.94 -0.03
CA VAL B 201 -22.20 11.62 0.11
C VAL B 201 -20.99 11.49 -0.83
N ALA B 202 -19.84 11.11 -0.27
CA ALA B 202 -18.66 10.79 -1.05
C ALA B 202 -18.80 9.38 -1.59
N ARG B 203 -18.61 9.20 -2.89
CA ARG B 203 -18.83 7.90 -3.53
C ARG B 203 -17.59 7.49 -4.27
N GLN B 204 -17.30 6.20 -4.28
CA GLN B 204 -16.18 5.67 -5.01
C GLN B 204 -16.41 4.26 -5.50
N VAL B 205 -16.07 4.03 -6.76
CA VAL B 205 -16.16 2.68 -7.29
C VAL B 205 -14.75 2.17 -7.64
N PHE B 206 -14.46 0.96 -7.21
CA PHE B 206 -13.22 0.29 -7.62
C PHE B 206 -13.39 -0.39 -8.98
N HIS B 207 -12.33 -0.36 -9.77
CA HIS B 207 -12.34 -0.96 -11.12
C HIS B 207 -10.95 -1.44 -11.51
N GLY B 208 -10.83 -2.02 -12.70
CA GLY B 208 -9.59 -2.66 -13.14
C GLY B 208 -8.37 -1.76 -13.21
N GLU B 209 -8.58 -0.47 -13.39
CA GLU B 209 -7.49 0.50 -13.44
C GLU B 209 -7.55 1.46 -12.25
N GLY B 210 -8.13 0.99 -11.14
CA GLY B 210 -7.99 1.67 -9.85
C GLY B 210 -9.32 2.09 -9.24
N ILE B 211 -9.58 3.39 -9.25
CA ILE B 211 -10.76 3.96 -8.61
C ILE B 211 -11.41 5.03 -9.48
N LEU B 212 -12.68 5.31 -9.17
CA LEU B 212 -13.38 6.46 -9.69
C LEU B 212 -14.17 7.03 -8.50
N ALA B 213 -13.79 8.21 -8.07
CA ALA B 213 -14.40 8.86 -6.93
C ALA B 213 -15.11 10.13 -7.35
N PHE B 214 -16.30 10.33 -6.79
CA PHE B 214 -17.09 11.53 -6.94
C PHE B 214 -17.09 12.24 -5.58
N LEU B 215 -16.37 13.36 -5.46
CA LEU B 215 -16.26 14.10 -4.21
C LEU B 215 -17.26 15.26 -4.23
N PRO B 216 -18.23 15.29 -3.29
CA PRO B 216 -19.32 16.28 -3.38
C PRO B 216 -18.89 17.71 -3.10
N LEU B 217 -19.30 18.63 -3.96
CA LEU B 217 -19.02 20.05 -3.76
C LEU B 217 -20.22 20.76 -3.16
N SER B 218 -20.06 22.08 -2.93
CA SER B 218 -21.09 22.89 -2.32
C SER B 218 -22.40 22.84 -3.11
N ASP B 219 -22.32 23.06 -4.40
CA ASP B 219 -23.50 22.94 -5.26
C ASP B 219 -24.02 21.49 -5.18
N PRO B 220 -25.32 21.31 -4.87
CA PRO B 220 -25.88 19.98 -4.58
C PRO B 220 -25.76 19.02 -5.75
N HIS B 221 -25.47 19.53 -6.94
CA HIS B 221 -25.35 18.69 -8.12
C HIS B 221 -23.96 18.66 -8.74
N LEU B 222 -22.97 19.21 -8.03
CA LEU B 222 -21.58 19.18 -8.49
C LEU B 222 -20.70 18.30 -7.63
N CYS B 223 -19.89 17.50 -8.32
CA CYS B 223 -18.84 16.70 -7.73
C CYS B 223 -17.53 16.99 -8.46
N SER B 224 -16.42 16.92 -7.73
CA SER B 224 -15.08 16.84 -8.32
C SER B 224 -14.67 15.38 -8.36
N ILE B 225 -14.19 14.89 -9.51
CA ILE B 225 -13.87 13.47 -9.63
C ILE B 225 -12.37 13.22 -9.56
N VAL B 226 -12.04 12.00 -9.18
CA VAL B 226 -10.71 11.41 -9.32
C VAL B 226 -10.92 10.10 -10.03
N TRP B 227 -10.52 10.05 -11.28
CA TRP B 227 -10.67 8.88 -12.12
C TRP B 227 -9.30 8.33 -12.51
N SER B 228 -8.87 7.25 -11.88
CA SER B 228 -7.57 6.66 -12.28
C SER B 228 -7.80 5.75 -13.48
N LEU B 229 -6.86 5.83 -14.43
CA LEU B 229 -6.91 5.17 -15.72
C LEU B 229 -5.48 4.83 -16.14
N SER B 230 -5.32 3.90 -17.07
CA SER B 230 -4.05 3.73 -17.76
C SER B 230 -3.63 5.08 -18.31
N PRO B 231 -2.32 5.33 -18.46
CA PRO B 231 -1.96 6.65 -19.03
C PRO B 231 -2.62 6.91 -20.39
N GLU B 232 -2.79 5.85 -21.19
CA GLU B 232 -3.38 5.96 -22.52
C GLU B 232 -4.87 6.29 -22.44
N GLU B 233 -5.59 5.62 -21.55
CA GLU B 233 -7.01 5.84 -21.48
C GLU B 233 -7.26 7.22 -20.88
N ALA B 234 -6.40 7.65 -19.97
CA ALA B 234 -6.53 8.99 -19.36
C ALA B 234 -6.37 10.06 -20.43
N GLN B 235 -5.42 9.85 -21.32
CA GLN B 235 -5.22 10.77 -22.43
C GLN B 235 -6.43 10.80 -23.36
N ARG B 236 -6.95 9.63 -23.69
N ARG B 236 -6.99 9.64 -23.66
CA ARG B 236 -8.16 9.52 -24.51
CA ARG B 236 -8.16 9.57 -24.52
C ARG B 236 -9.29 10.29 -23.85
C ARG B 236 -9.33 10.27 -23.86
N MET B 237 -9.52 10.05 -22.56
CA MET B 237 -10.63 10.67 -21.85
C MET B 237 -10.44 12.18 -21.75
N GLN B 238 -9.20 12.62 -21.60
CA GLN B 238 -8.95 14.06 -21.56
C GLN B 238 -9.22 14.73 -22.90
N GLN B 239 -8.90 14.04 -23.99
CA GLN B 239 -9.02 14.65 -25.33
C GLN B 239 -10.34 14.36 -26.00
N ALA B 240 -11.19 13.56 -25.36
CA ALA B 240 -12.46 13.18 -25.98
C ALA B 240 -13.46 14.35 -26.07
N SER B 241 -14.39 14.25 -27.01
CA SER B 241 -15.52 15.15 -27.03
C SER B 241 -16.19 15.02 -25.68
N GLU B 242 -16.89 16.06 -25.25
CA GLU B 242 -17.60 16.02 -23.98
C GLU B 242 -18.67 14.93 -23.97
N ASP B 243 -19.27 14.66 -25.13
CA ASP B 243 -20.29 13.61 -25.21
C ASP B 243 -19.68 12.24 -24.98
N GLU B 244 -18.56 11.96 -25.65
CA GLU B 244 -17.90 10.69 -25.43
C GLU B 244 -17.48 10.61 -23.98
N PHE B 245 -16.91 11.69 -23.47
CA PHE B 245 -16.44 11.68 -22.07
C PHE B 245 -17.59 11.44 -21.12
N ASN B 246 -18.68 12.19 -21.28
CA ASN B 246 -19.83 12.08 -20.39
C ASN B 246 -20.44 10.69 -20.38
N ARG B 247 -20.45 10.03 -21.54
CA ARG B 247 -21.01 8.69 -21.64
C ARG B 247 -20.07 7.68 -21.00
N ALA B 248 -18.78 7.86 -21.22
CA ALA B 248 -17.82 6.93 -20.65
C ALA B 248 -17.85 7.00 -19.12
N LEU B 249 -17.93 8.21 -18.60
CA LEU B 249 -17.96 8.44 -17.16
C LEU B 249 -19.20 7.82 -16.53
N ASN B 250 -20.36 8.06 -17.13
CA ASN B 250 -21.63 7.55 -16.58
C ASN B 250 -21.60 6.04 -16.48
N ILE B 251 -21.03 5.39 -17.49
CA ILE B 251 -20.92 3.93 -17.50
C ILE B 251 -19.94 3.47 -16.42
N ALA B 252 -18.80 4.14 -16.34
CA ALA B 252 -17.80 3.82 -15.31
C ALA B 252 -18.37 3.97 -13.91
N PHE B 253 -19.30 4.91 -13.74
CA PHE B 253 -19.92 5.14 -12.44
C PHE B 253 -21.27 4.39 -12.23
N ASP B 254 -21.58 3.43 -13.10
CA ASP B 254 -22.81 2.62 -12.99
C ASP B 254 -24.05 3.49 -12.89
N ASN B 255 -24.02 4.65 -13.55
CA ASN B 255 -25.18 5.55 -13.57
C ASN B 255 -25.64 5.95 -12.17
N ARG B 256 -24.75 5.94 -11.20
CA ARG B 256 -25.19 6.08 -9.81
C ARG B 256 -25.89 7.41 -9.53
N LEU B 257 -25.55 8.44 -10.27
CA LEU B 257 -26.17 9.74 -10.09
C LEU B 257 -26.79 10.21 -11.39
N GLY B 258 -27.20 9.26 -12.23
CA GLY B 258 -27.89 9.60 -13.47
C GLY B 258 -26.90 10.20 -14.45
N LEU B 259 -27.39 10.94 -15.44
CA LEU B 259 -26.49 11.50 -16.44
C LEU B 259 -25.49 12.49 -15.85
N CYS B 260 -24.29 12.46 -16.43
CA CYS B 260 -23.16 13.29 -16.05
C CYS B 260 -22.82 14.26 -17.14
N LYS B 261 -22.51 15.49 -16.75
CA LYS B 261 -22.09 16.54 -17.68
C LYS B 261 -20.82 17.23 -17.17
N VAL B 262 -19.69 17.02 -17.84
CA VAL B 262 -18.47 17.70 -17.39
C VAL B 262 -18.60 19.22 -17.53
N GLU B 263 -18.12 19.96 -16.55
CA GLU B 263 -18.29 21.42 -16.52
C GLU B 263 -16.98 22.19 -16.32
N SER B 264 -15.86 21.50 -16.45
CA SER B 264 -14.56 22.14 -16.34
C SER B 264 -13.59 21.56 -17.33
N ALA B 265 -12.39 22.12 -17.33
CA ALA B 265 -11.26 21.51 -18.00
C ALA B 265 -11.05 20.13 -17.38
N ARG B 266 -10.53 19.23 -18.19
CA ARG B 266 -10.15 17.92 -17.71
C ARG B 266 -8.65 17.85 -17.57
N GLN B 267 -8.16 17.64 -16.35
CA GLN B 267 -6.72 17.57 -16.11
C GLN B 267 -6.28 16.19 -15.69
N VAL B 268 -5.06 15.86 -16.09
CA VAL B 268 -4.47 14.57 -15.81
C VAL B 268 -3.13 14.72 -15.09
N PHE B 269 -2.88 13.88 -14.08
CA PHE B 269 -1.55 13.87 -13.50
C PHE B 269 -1.16 12.49 -13.05
N PRO B 270 0.15 12.25 -12.97
CA PRO B 270 0.59 10.87 -12.71
C PRO B 270 0.46 10.48 -11.25
N LEU B 271 0.28 9.17 -11.01
CA LEU B 271 0.21 8.63 -9.66
C LEU B 271 1.51 7.92 -9.37
N THR B 272 2.08 8.23 -8.21
CA THR B 272 3.41 7.80 -7.83
CA THR B 272 3.39 7.74 -7.83
C THR B 272 3.46 7.57 -6.33
N GLY B 273 4.35 6.68 -5.91
CA GLY B 273 4.71 6.54 -4.50
C GLY B 273 6.10 7.15 -4.35
N ARG B 274 6.38 7.66 -3.15
CA ARG B 274 7.69 8.18 -2.79
C ARG B 274 7.97 7.71 -1.36
N TYR B 275 8.99 6.87 -1.22
CA TYR B 275 9.27 6.16 0.03
C TYR B 275 10.62 6.57 0.59
N ALA B 276 10.62 6.88 1.89
CA ALA B 276 11.77 7.45 2.57
C ALA B 276 12.36 6.50 3.60
N ARG B 277 13.66 6.21 3.45
CA ARG B 277 14.40 5.49 4.47
C ARG B 277 14.80 6.47 5.60
N GLN B 278 14.82 7.77 5.29
CA GLN B 278 15.18 8.81 6.29
C GLN B 278 14.22 9.98 6.19
N PHE B 279 13.83 10.52 7.33
CA PHE B 279 13.07 11.78 7.35
C PHE B 279 13.88 12.86 8.03
N ALA B 280 15.08 12.54 8.47
CA ALA B 280 15.93 13.54 9.09
C ALA B 280 17.39 13.18 8.94
N SER B 281 18.22 14.19 9.10
CA SER B 281 19.62 14.03 9.21
C SER B 281 20.08 15.13 10.17
N HIS B 282 21.40 15.39 10.20
CA HIS B 282 21.97 16.47 11.00
C HIS B 282 21.37 17.83 10.57
N ARG B 283 20.68 18.47 11.48
CA ARG B 283 20.07 19.79 11.26
C ARG B 283 19.12 19.83 10.06
N LEU B 284 18.46 18.69 9.79
CA LEU B 284 17.53 18.59 8.69
C LEU B 284 16.36 17.69 9.03
N ALA B 285 15.15 18.18 8.76
CA ALA B 285 13.95 17.36 8.90
C ALA B 285 13.13 17.58 7.66
N LEU B 286 12.50 16.52 7.18
CA LEU B 286 11.69 16.57 5.98
C LEU B 286 10.22 16.29 6.29
N VAL B 287 9.37 17.13 5.73
CA VAL B 287 7.93 16.96 5.77
C VAL B 287 7.36 16.99 4.37
N GLY B 288 6.27 16.26 4.19
CA GLY B 288 5.40 16.44 3.04
C GLY B 288 5.88 15.77 1.76
N ASP B 289 6.98 15.01 1.81
CA ASP B 289 7.59 14.50 0.56
C ASP B 289 7.32 13.01 0.35
N ALA B 290 6.97 12.27 1.40
CA ALA B 290 6.62 10.85 1.20
C ALA B 290 5.19 10.72 0.66
N ALA B 291 4.89 9.61 -0.02
CA ALA B 291 3.55 9.34 -0.58
C ALA B 291 3.38 7.83 -0.70
N HIS B 292 2.32 7.32 -0.10
CA HIS B 292 2.16 5.89 0.03
C HIS B 292 0.89 5.48 -0.73
N THR B 293 -0.22 5.27 -0.05
CA THR B 293 -1.48 4.92 -0.70
C THR B 293 -2.16 6.14 -1.36
N ILE B 294 -3.01 5.83 -2.35
CA ILE B 294 -3.88 6.80 -2.97
C ILE B 294 -5.28 6.65 -2.38
N HIS B 295 -5.72 5.40 -2.22
CA HIS B 295 -6.95 5.11 -1.49
C HIS B 295 -6.67 4.66 -0.05
N PRO B 296 -7.45 5.18 0.92
CA PRO B 296 -8.52 6.19 0.80
C PRO B 296 -7.98 7.59 0.53
N LEU B 297 -8.67 8.33 -0.34
CA LEU B 297 -8.22 9.67 -0.72
C LEU B 297 -8.08 10.60 0.51
N ALA B 298 -8.92 10.40 1.52
CA ALA B 298 -8.92 11.25 2.69
C ALA B 298 -7.77 10.94 3.65
N GLY B 299 -7.06 9.84 3.44
CA GLY B 299 -5.91 9.51 4.28
C GLY B 299 -4.58 10.01 3.71
N GLN B 300 -4.62 10.63 2.53
CA GLN B 300 -3.39 10.94 1.82
C GLN B 300 -3.39 12.34 1.23
N GLY B 301 -2.40 12.63 0.39
CA GLY B 301 -2.20 13.98 -0.14
C GLY B 301 -1.81 14.90 0.99
N VAL B 302 -2.43 16.07 1.06
CA VAL B 302 -2.05 17.05 2.06
C VAL B 302 -2.41 16.51 3.47
N ASN B 303 -3.28 15.52 3.59
CA ASN B 303 -3.56 14.93 4.90
C ASN B 303 -2.33 14.28 5.50
N LEU B 304 -1.53 13.63 4.66
CA LEU B 304 -0.30 12.96 5.10
C LEU B 304 0.71 14.01 5.48
N GLY B 305 0.87 15.00 4.62
CA GLY B 305 1.76 16.09 4.90
C GLY B 305 1.38 16.88 6.17
N PHE B 306 0.08 17.04 6.41
CA PHE B 306 -0.35 17.75 7.61
C PHE B 306 -0.06 16.92 8.87
N MET B 307 -0.11 15.58 8.75
CA MET B 307 0.26 14.73 9.86
C MET B 307 1.78 14.80 10.08
N ASP B 308 2.57 14.82 9.00
CA ASP B 308 4.00 15.07 9.12
C ASP B 308 4.23 16.36 9.95
N ALA B 309 3.55 17.42 9.53
CA ALA B 309 3.64 18.73 10.17
C ALA B 309 3.25 18.70 11.64
N ALA B 310 2.12 18.07 11.97
CA ALA B 310 1.64 18.00 13.35
C ALA B 310 2.69 17.35 14.24
N GLU B 311 3.26 16.25 13.79
CA GLU B 311 4.21 15.52 14.62
C GLU B 311 5.53 16.26 14.76
N LEU B 312 5.97 16.96 13.72
CA LEU B 312 7.22 17.71 13.79
C LEU B 312 7.06 18.88 14.74
N ILE B 313 5.95 19.59 14.58
CA ILE B 313 5.60 20.71 15.45
C ILE B 313 5.64 20.27 16.95
N ALA B 314 4.96 19.18 17.30
CA ALA B 314 4.94 18.72 18.70
C ALA B 314 6.36 18.44 19.19
N GLU B 315 7.19 17.81 18.34
CA GLU B 315 8.52 17.44 18.79
C GLU B 315 9.41 18.67 18.96
N LEU B 316 9.36 19.60 18.02
CA LEU B 316 10.19 20.81 18.11
C LEU B 316 9.77 21.69 19.30
N LYS B 317 8.46 21.78 19.58
CA LYS B 317 7.98 22.54 20.72
C LYS B 317 8.49 21.95 22.02
N ARG B 318 8.48 20.63 22.10
CA ARG B 318 9.02 19.97 23.27
C ARG B 318 10.51 20.25 23.42
N LEU B 319 11.26 20.08 22.35
CA LEU B 319 12.70 20.26 22.44
C LEU B 319 13.03 21.68 22.85
N HIS B 320 12.34 22.62 22.23
CA HIS B 320 12.61 24.01 22.49
C HIS B 320 12.25 24.39 23.93
N ARG B 321 11.15 23.88 24.43
CA ARG B 321 10.79 24.10 25.81
C ARG B 321 11.94 23.77 26.71
N GLN B 322 12.52 22.62 26.40
N GLN B 322 12.55 22.65 26.37
CA GLN B 322 13.56 22.02 27.22
CA GLN B 322 13.56 22.03 27.22
C GLN B 322 14.94 22.62 27.02
C GLN B 322 14.93 22.65 27.06
N GLY B 323 15.04 23.63 26.17
CA GLY B 323 16.30 24.27 25.90
C GLY B 323 17.24 23.37 25.10
N LYS B 324 16.69 22.40 24.40
CA LYS B 324 17.51 21.47 23.65
C LYS B 324 17.84 21.99 22.24
N ASP B 325 18.89 21.45 21.66
CA ASP B 325 19.30 21.84 20.33
C ASP B 325 18.36 21.15 19.35
N ILE B 326 17.43 21.91 18.79
CA ILE B 326 16.39 21.33 17.91
C ILE B 326 16.92 20.74 16.61
N GLY B 327 18.20 20.91 16.31
CA GLY B 327 18.74 20.38 15.07
C GLY B 327 19.48 19.07 15.16
N GLN B 328 19.68 18.56 16.37
CA GLN B 328 20.48 17.37 16.55
C GLN B 328 19.67 16.13 16.19
N TYR B 329 20.27 15.26 15.39
CA TYR B 329 19.64 14.05 14.92
C TYR B 329 19.19 13.16 16.07
N ILE B 330 19.89 13.19 17.19
CA ILE B 330 19.50 12.34 18.31
C ILE B 330 18.03 12.64 18.74
N TYR B 331 17.57 13.86 18.51
CA TYR B 331 16.20 14.23 18.87
C TYR B 331 15.30 14.14 17.64
N LEU B 332 15.80 14.53 16.47
CA LEU B 332 14.99 14.50 15.26
C LEU B 332 14.62 13.07 14.89
N ARG B 333 15.39 12.09 15.35
CA ARG B 333 15.09 10.72 14.99
C ARG B 333 13.81 10.22 15.66
N ARG B 334 13.34 10.91 16.70
CA ARG B 334 12.04 10.61 17.29
C ARG B 334 10.91 10.90 16.29
N TYR B 335 10.96 12.05 15.65
CA TYR B 335 10.01 12.38 14.59
C TYR B 335 10.13 11.38 13.41
N GLU B 336 11.35 11.10 12.99
CA GLU B 336 11.57 10.18 11.88
C GLU B 336 10.95 8.82 12.15
N ARG B 337 11.20 8.29 13.33
CA ARG B 337 10.64 6.99 13.70
C ARG B 337 9.12 6.94 13.60
N SER B 338 8.48 7.99 14.07
CA SER B 338 7.04 8.03 14.02
C SER B 338 6.57 8.02 12.57
N ARG B 339 7.25 8.79 11.72
CA ARG B 339 6.87 8.89 10.32
C ARG B 339 7.07 7.56 9.57
N LYS B 340 8.12 6.83 9.93
CA LYS B 340 8.45 5.60 9.25
C LYS B 340 7.49 4.49 9.65
N HIS B 341 7.11 4.46 10.92
CA HIS B 341 6.17 3.47 11.42
C HIS B 341 4.86 3.69 10.69
N SER B 342 4.50 4.95 10.56
CA SER B 342 3.26 5.30 9.91
C SER B 342 3.25 5.00 8.42
N ALA B 343 4.33 5.35 7.73
CA ALA B 343 4.49 4.98 6.34
C ALA B 343 4.32 3.47 6.15
N ALA B 344 4.92 2.71 7.05
CA ALA B 344 4.89 1.27 6.93
C ALA B 344 3.45 0.78 7.04
N LEU B 345 2.70 1.32 7.99
CA LEU B 345 1.33 0.86 8.16
C LEU B 345 0.49 1.19 6.95
N MET B 346 0.78 2.33 6.30
CA MET B 346 0.08 2.70 5.08
C MET B 346 0.39 1.73 3.95
N LEU B 347 1.66 1.53 3.67
CA LEU B 347 2.06 0.60 2.62
C LEU B 347 1.61 -0.82 2.90
N ALA B 348 1.61 -1.23 4.17
CA ALA B 348 1.20 -2.59 4.51
C ALA B 348 -0.34 -2.83 4.33
N GLY B 349 -1.05 -1.76 4.01
CA GLY B 349 -2.51 -1.78 3.89
C GLY B 349 -3.24 -1.76 5.23
N MET B 350 -2.54 -1.41 6.30
CA MET B 350 -3.10 -1.53 7.65
C MET B 350 -3.65 -0.19 8.21
N GLN B 351 -3.49 0.89 7.46
CA GLN B 351 -3.92 2.22 7.91
C GLN B 351 -5.18 2.69 7.19
N GLY B 352 -5.37 2.23 5.96
CA GLY B 352 -6.52 2.64 5.15
C GLY B 352 -7.92 2.56 5.78
N PHE B 353 -8.21 1.44 6.44
CA PHE B 353 -9.48 1.20 7.08
C PHE B 353 -9.78 2.27 8.10
N ARG B 354 -8.81 2.59 8.92
CA ARG B 354 -8.96 3.57 9.94
C ARG B 354 -9.26 4.94 9.35
N ASP B 355 -8.59 5.32 8.27
CA ASP B 355 -8.83 6.62 7.67
C ASP B 355 -10.16 6.64 6.96
N LEU B 356 -10.55 5.50 6.36
CA LEU B 356 -11.83 5.41 5.68
C LEU B 356 -13.01 5.73 6.59
N PHE B 357 -12.96 5.21 7.81
CA PHE B 357 -14.06 5.29 8.75
C PHE B 357 -13.92 6.47 9.75
N SER B 358 -13.01 7.40 9.51
CA SER B 358 -12.76 8.45 10.47
C SER B 358 -13.78 9.57 10.27
N GLY B 359 -13.91 10.43 11.28
CA GLY B 359 -14.87 11.51 11.24
C GLY B 359 -14.71 12.38 12.48
N THR B 360 -15.52 13.44 12.55
CA THR B 360 -15.42 14.42 13.61
C THR B 360 -16.63 14.29 14.52
N ASN B 361 -16.38 14.23 15.82
CA ASN B 361 -17.47 14.14 16.81
C ASN B 361 -18.17 15.49 16.96
N PRO B 362 -19.48 15.50 17.25
CA PRO B 362 -20.14 16.78 17.57
C PRO B 362 -19.53 17.40 18.84
#